data_6I9I
#
_entry.id   6I9I
#
_cell.length_a   51.590
_cell.length_b   61.950
_cell.length_c   78.910
_cell.angle_alpha   81.01
_cell.angle_beta   77.52
_cell.angle_gamma   84.74
#
_symmetry.space_group_name_H-M   'P 1'
#
loop_
_entity.id
_entity.type
_entity.pdbx_description
1 polymer 'RV-Gn1 Heavy chain'
2 polymer 'RV-Gn1 Light chain'
3 polymer Glycoprotein
4 water water
#
loop_
_entity_poly.entity_id
_entity_poly.type
_entity_poly.pdbx_seq_one_letter_code
_entity_poly.pdbx_strand_id
1 'polypeptide(L)'
;TGSLEESGGRLVTPGTPLTLTCTVSGIDPNSDHMSWVRQAPGKGLEWIAIIYASGTTYYASWAKGRFTISKTSTTVDLRI
ASPTTEDTATYFCATYPNYPTDNLWGQGTLVTVSGTQPKAPSVFPLAPCCGDTPSSTVTLGCLVKGYLPEPVTVTWNSGT
LTNGVRTFPSVRQSSGLYSLSSVVSVTSSSQPVTCNVAHPATNTKVDKTVAPSTCSKHHHHHH
;
A,H
2 'polypeptide(L)'
;TGMTQTPSPVSAAVGGTVTINCQASQSVYNNYLLSWYQQKPGQPPKRLIYSASTLASGVSSRFKGSGSGTQFTLTISDVQ
CDDAATYYCLGSYDGNSADCLAFGGGTEVVVKGTPVAPTVLIFPPAADQVATGTVTIVCVANKYFPDVTVTWEVDGTTQT
TGIENSKTPQNSADCTYNLSSTLTLTSTQYNSHKEYTCKVTQGTTSVVQSFNRGDCS
;
B,L
3 'polypeptide(L)'
;EDPHLRNRPGKGHNYIDGMTQEDATCKPVTYAGACSSFDVLLEKGKFPLFQSYAHHRTLLEAVHDTIIAKADPPSCDLQS
AHGNPCMKEKLVMKTHCPNDYQSAHYLNNDGKMASVKCPPKYELTEDCNFCRQMTGASLKKGSYPLQDLFCQSSEDDGSK
LKTKMKGVCEVGVQALKKCDGQLSTAHEVVPFAVFKNSKKVYLDKLDLKTEENLLPDSFVCFEHKGQYKGTMDSGQTKRE
LKSFDISQCPKIGGHGSKKCTGDAAFCSAYECTAQYANAYCSHANGSGIVQIQVSGVWKKPLCVGYERVVVKRELSGTKH
HHHHH
;
C,D
#
# COMPACT_ATOMS: atom_id res chain seq x y z
N THR A 1 -20.12 17.24 24.16
CA THR A 1 -21.55 17.05 23.78
C THR A 1 -21.75 16.07 22.61
N GLY A 2 -20.87 16.07 21.62
CA GLY A 2 -20.97 15.13 20.51
C GLY A 2 -20.36 13.78 20.85
N SER A 3 -20.95 12.68 20.37
CA SER A 3 -20.32 11.37 20.43
C SER A 3 -20.88 10.41 19.37
N LEU A 4 -20.11 9.36 19.11
CA LEU A 4 -20.37 8.35 18.11
C LEU A 4 -20.35 6.98 18.73
N GLU A 5 -21.17 6.05 18.22
CA GLU A 5 -21.20 4.67 18.71
C GLU A 5 -21.49 3.70 17.58
N GLU A 6 -20.55 2.79 17.35
CA GLU A 6 -20.67 1.82 16.27
C GLU A 6 -21.38 0.61 16.81
N SER A 7 -22.20 0.00 15.97
CA SER A 7 -22.82 -1.30 16.30
C SER A 7 -22.92 -2.17 15.06
N GLY A 8 -23.18 -3.45 15.29
CA GLY A 8 -23.42 -4.42 14.22
C GLY A 8 -22.29 -5.41 13.98
N GLY A 9 -21.16 -5.21 14.63
CA GLY A 9 -20.08 -6.17 14.56
C GLY A 9 -20.49 -7.51 15.17
N ARG A 10 -20.18 -8.60 14.47
CA ARG A 10 -20.44 -9.97 14.95
C ARG A 10 -19.65 -10.99 14.12
N LEU A 11 -19.71 -12.26 14.52
CA LEU A 11 -19.09 -13.35 13.75
C LEU A 11 -20.01 -13.80 12.62
N VAL A 12 -19.51 -13.76 11.39
CA VAL A 12 -20.21 -14.31 10.22
C VAL A 12 -19.31 -15.22 9.41
N THR A 13 -19.92 -16.06 8.57
CA THR A 13 -19.18 -16.86 7.60
C THR A 13 -18.84 -16.02 6.36
N PRO A 14 -17.75 -16.38 5.66
CA PRO A 14 -17.38 -15.66 4.42
C PRO A 14 -18.53 -15.57 3.44
N GLY A 15 -18.71 -14.38 2.86
CA GLY A 15 -19.75 -14.14 1.86
C GLY A 15 -21.08 -13.71 2.47
N THR A 16 -21.24 -13.75 3.79
CA THR A 16 -22.46 -13.28 4.43
C THR A 16 -22.46 -11.73 4.47
N PRO A 17 -23.39 -11.07 3.75
CA PRO A 17 -23.39 -9.61 3.78
C PRO A 17 -23.68 -9.08 5.18
N LEU A 18 -23.07 -7.94 5.52
CA LEU A 18 -23.10 -7.41 6.85
C LEU A 18 -23.22 -5.86 6.77
N THR A 19 -24.17 -5.29 7.55
CA THR A 19 -24.32 -3.85 7.71
C THR A 19 -23.92 -3.39 9.11
N LEU A 20 -23.03 -2.40 9.17
CA LEU A 20 -22.63 -1.79 10.43
C LEU A 20 -23.22 -0.39 10.53
N THR A 21 -23.49 0.03 11.76
CA THR A 21 -24.17 1.29 12.01
C THR A 21 -23.38 2.14 12.97
N CYS A 22 -23.22 3.41 12.60
CA CYS A 22 -22.63 4.43 13.47
C CYS A 22 -23.75 5.37 13.93
N THR A 23 -24.11 5.30 15.20
CA THR A 23 -25.16 6.19 15.73
C THR A 23 -24.50 7.48 16.25
N VAL A 24 -24.95 8.61 15.70
CA VAL A 24 -24.43 9.92 16.02
C VAL A 24 -25.31 10.60 17.09
N SER A 25 -24.68 11.21 18.08
CA SER A 25 -25.36 11.96 19.14
C SER A 25 -24.74 13.35 19.28
N GLY A 26 -25.60 14.36 19.44
CA GLY A 26 -25.17 15.73 19.63
C GLY A 26 -24.54 16.42 18.42
N ILE A 27 -24.74 15.90 17.24
CA ILE A 27 -24.16 16.50 16.03
C ILE A 27 -25.26 16.63 14.99
N ASP A 28 -25.34 17.80 14.35
CA ASP A 28 -26.41 18.13 13.39
C ASP A 28 -26.29 17.23 12.15
N PRO A 29 -27.43 16.86 11.53
CA PRO A 29 -27.52 15.97 10.37
C PRO A 29 -26.60 16.24 9.17
N ASN A 30 -26.36 17.50 8.81
CA ASN A 30 -25.55 17.81 7.62
C ASN A 30 -24.46 18.83 7.97
N SER A 31 -23.74 18.60 9.06
CA SER A 31 -22.67 19.50 9.46
C SER A 31 -21.30 18.83 9.60
N ASP A 32 -21.15 17.58 9.15
CA ASP A 32 -19.84 16.89 9.15
C ASP A 32 -19.76 15.82 8.03
N HIS A 33 -18.54 15.37 7.76
CA HIS A 33 -18.23 14.37 6.75
C HIS A 33 -17.71 13.13 7.47
N MET A 34 -18.49 12.07 7.42
CA MET A 34 -18.29 10.90 8.29
C MET A 34 -17.57 9.80 7.53
N SER A 35 -16.53 9.25 8.13
CA SER A 35 -15.77 8.15 7.53
C SER A 35 -15.91 6.88 8.35
N TRP A 36 -15.72 5.76 7.66
CA TRP A 36 -15.44 4.49 8.29
C TRP A 36 -13.99 4.14 8.07
N VAL A 37 -13.39 3.59 9.12
CA VAL A 37 -11.99 3.24 9.19
C VAL A 37 -11.95 1.85 9.84
N ARG A 38 -11.02 0.97 9.44
CA ARG A 38 -10.84 -0.30 10.15
C ARG A 38 -9.40 -0.60 10.57
N GLN A 39 -9.29 -1.54 11.49
CA GLN A 39 -8.00 -1.97 11.96
C GLN A 39 -8.06 -3.46 12.28
N ALA A 40 -7.33 -4.27 11.50
CA ALA A 40 -7.24 -5.70 11.76
C ALA A 40 -6.37 -5.90 12.98
N PRO A 41 -6.56 -7.02 13.73
CA PRO A 41 -5.74 -7.22 14.94
C PRO A 41 -4.24 -7.16 14.64
N GLY A 42 -3.53 -6.36 15.42
CA GLY A 42 -2.11 -6.13 15.21
C GLY A 42 -1.68 -5.32 14.01
N LYS A 43 -2.62 -4.75 13.25
CA LYS A 43 -2.29 -4.01 12.01
C LYS A 43 -2.63 -2.52 12.11
N GLY A 44 -2.30 -1.74 11.08
CA GLY A 44 -2.53 -0.31 11.07
C GLY A 44 -3.97 0.10 10.77
N LEU A 45 -4.21 1.40 10.81
CA LEU A 45 -5.51 1.97 10.50
C LEU A 45 -5.63 2.05 8.99
N GLU A 46 -6.80 1.65 8.47
CA GLU A 46 -7.10 1.69 7.04
C GLU A 46 -8.38 2.49 6.83
N TRP A 47 -8.31 3.58 6.07
CA TRP A 47 -9.50 4.34 5.74
C TRP A 47 -10.26 3.55 4.65
N ILE A 48 -11.57 3.47 4.81
CA ILE A 48 -12.42 2.70 3.90
C ILE A 48 -13.27 3.58 3.00
N ALA A 49 -14.02 4.52 3.61
CA ALA A 49 -15.01 5.34 2.88
C ALA A 49 -15.40 6.57 3.65
N ILE A 50 -15.95 7.55 2.93
CA ILE A 50 -16.44 8.79 3.52
C ILE A 50 -17.77 9.16 2.87
N ILE A 51 -18.67 9.72 3.67
CA ILE A 51 -19.87 10.39 3.18
C ILE A 51 -19.90 11.84 3.69
N TYR A 52 -19.79 12.79 2.76
CA TYR A 52 -19.85 14.23 3.09
C TYR A 52 -21.25 14.65 3.51
N ALA A 53 -21.36 15.84 4.08
CA ALA A 53 -22.63 16.47 4.39
C ALA A 53 -23.52 16.60 3.16
N SER A 54 -22.92 16.93 2.01
CA SER A 54 -23.61 16.99 0.74
C SER A 54 -24.18 15.66 0.23
N GLY A 55 -23.70 14.54 0.77
CA GLY A 55 -24.10 13.22 0.29
C GLY A 55 -23.09 12.59 -0.63
N THR A 56 -22.05 13.34 -1.01
CA THR A 56 -20.99 12.82 -1.87
C THR A 56 -20.22 11.72 -1.14
N THR A 57 -19.85 10.65 -1.85
CA THR A 57 -19.14 9.49 -1.26
C THR A 57 -17.87 9.17 -2.02
N TYR A 58 -16.85 8.76 -1.29
CA TYR A 58 -15.64 8.19 -1.85
C TYR A 58 -15.26 6.93 -1.08
N TYR A 59 -14.48 6.09 -1.73
CA TYR A 59 -14.05 4.79 -1.20
C TYR A 59 -12.57 4.62 -1.47
N ALA A 60 -11.91 3.85 -0.63
CA ALA A 60 -10.51 3.51 -0.90
C ALA A 60 -10.50 2.64 -2.17
N SER A 61 -9.40 2.73 -2.95
CA SER A 61 -9.32 1.99 -4.24
C SER A 61 -9.59 0.50 -4.07
N TRP A 62 -9.05 -0.09 -3.00
CA TRP A 62 -9.34 -1.49 -2.66
C TRP A 62 -10.77 -1.76 -2.22
N ALA A 63 -11.45 -0.75 -1.68
CA ALA A 63 -12.80 -0.90 -1.13
C ALA A 63 -13.90 -0.75 -2.16
N LYS A 64 -13.61 -0.06 -3.28
CA LYS A 64 -14.64 0.25 -4.26
C LYS A 64 -15.29 -1.03 -4.80
N GLY A 65 -16.62 -1.07 -4.80
CA GLY A 65 -17.35 -2.23 -5.27
C GLY A 65 -17.66 -3.27 -4.19
N ARG A 66 -16.93 -3.25 -3.08
CA ARG A 66 -17.14 -4.19 -1.95
C ARG A 66 -17.86 -3.60 -0.73
N PHE A 67 -17.95 -2.29 -0.66
CA PHE A 67 -18.50 -1.59 0.51
C PHE A 67 -19.45 -0.50 0.05
N THR A 68 -20.52 -0.25 0.80
CA THR A 68 -21.43 0.85 0.49
C THR A 68 -21.59 1.70 1.75
N ILE A 69 -21.36 3.00 1.62
CA ILE A 69 -21.57 3.93 2.72
C ILE A 69 -22.84 4.74 2.48
N SER A 70 -23.65 4.88 3.52
CA SER A 70 -24.92 5.62 3.45
C SER A 70 -25.20 6.34 4.77
N LYS A 71 -26.21 7.18 4.78
CA LYS A 71 -26.52 7.95 5.97
C LYS A 71 -28.02 8.26 6.10
N THR A 72 -28.43 8.47 7.35
CA THR A 72 -29.74 9.04 7.70
C THR A 72 -29.49 10.30 8.54
N SER A 73 -30.53 10.90 9.09
CA SER A 73 -30.36 12.08 9.97
C SER A 73 -29.55 11.79 11.24
N THR A 74 -29.56 10.54 11.73
CA THR A 74 -28.88 10.17 12.97
C THR A 74 -27.88 9.00 12.88
N THR A 75 -27.68 8.44 11.68
CA THR A 75 -26.73 7.32 11.55
C THR A 75 -25.95 7.41 10.28
N VAL A 76 -24.86 6.66 10.25
CA VAL A 76 -24.04 6.45 9.07
C VAL A 76 -23.83 4.95 9.00
N ASP A 77 -24.13 4.36 7.85
CA ASP A 77 -24.08 2.91 7.72
C ASP A 77 -23.03 2.46 6.72
N LEU A 78 -22.44 1.29 7.02
CA LEU A 78 -21.48 0.66 6.10
C LEU A 78 -21.93 -0.75 5.81
N ARG A 79 -22.25 -1.02 4.55
CA ARG A 79 -22.56 -2.39 4.12
C ARG A 79 -21.31 -3.05 3.55
N ILE A 80 -20.98 -4.24 4.06
CA ILE A 80 -19.88 -5.04 3.54
C ILE A 80 -20.54 -6.17 2.73
N ALA A 81 -20.49 -6.05 1.40
CA ALA A 81 -21.25 -6.93 0.49
C ALA A 81 -20.84 -8.42 0.53
N SER A 82 -19.54 -8.70 0.54
CA SER A 82 -19.06 -10.08 0.46
C SER A 82 -17.81 -10.31 1.32
N PRO A 83 -18.00 -10.42 2.64
CA PRO A 83 -16.80 -10.43 3.49
C PRO A 83 -15.94 -11.68 3.30
N THR A 84 -14.64 -11.52 3.51
CA THR A 84 -13.66 -12.59 3.54
C THR A 84 -12.98 -12.54 4.90
N THR A 85 -12.20 -13.57 5.22
CA THR A 85 -11.39 -13.58 6.45
C THR A 85 -10.47 -12.37 6.57
N GLU A 86 -10.04 -11.82 5.43
CA GLU A 86 -9.21 -10.61 5.43
C GLU A 86 -9.98 -9.36 5.94
N ASP A 87 -11.31 -9.40 6.02
CA ASP A 87 -12.13 -8.30 6.52
C ASP A 87 -12.34 -8.30 8.04
N THR A 88 -11.81 -9.33 8.73
CA THR A 88 -11.84 -9.37 10.19
C THR A 88 -11.11 -8.17 10.78
N ALA A 89 -11.82 -7.37 11.57
CA ALA A 89 -11.26 -6.12 12.08
C ALA A 89 -12.17 -5.39 13.06
N THR A 90 -11.62 -4.41 13.76
CA THR A 90 -12.45 -3.43 14.44
C THR A 90 -12.77 -2.32 13.41
N TYR A 91 -14.05 -1.97 13.32
CA TYR A 91 -14.53 -0.91 12.41
C TYR A 91 -14.96 0.29 13.26
N PHE A 92 -14.38 1.44 12.93
CA PHE A 92 -14.62 2.70 13.62
C PHE A 92 -15.29 3.70 12.68
N CYS A 93 -16.11 4.58 13.25
CA CYS A 93 -16.55 5.77 12.50
C CYS A 93 -15.94 7.00 13.11
N ALA A 94 -15.75 8.01 12.28
CA ALA A 94 -15.01 9.18 12.67
C ALA A 94 -15.51 10.40 11.90
N THR A 95 -15.43 11.56 12.55
CA THR A 95 -15.73 12.85 11.89
C THR A 95 -14.55 13.31 11.01
N TYR A 96 -14.78 14.39 10.26
CA TYR A 96 -13.82 14.86 9.26
C TYR A 96 -12.52 15.33 9.91
N PRO A 97 -11.37 14.78 9.49
CA PRO A 97 -10.13 14.99 10.28
C PRO A 97 -9.44 16.36 10.16
N ASN A 98 -9.85 17.19 9.19
CA ASN A 98 -9.23 18.50 8.95
C ASN A 98 -9.95 19.70 9.58
N TYR A 99 -11.16 19.49 10.09
CA TYR A 99 -11.88 20.57 10.80
C TYR A 99 -11.30 20.83 12.21
N PRO A 100 -11.42 22.08 12.69
CA PRO A 100 -10.89 22.45 13.99
C PRO A 100 -11.74 22.03 15.18
N THR A 101 -12.98 21.61 14.95
CA THR A 101 -13.79 21.00 16.00
C THR A 101 -13.15 19.67 16.46
N ASP A 102 -13.58 19.16 17.61
CA ASP A 102 -13.04 17.89 18.11
C ASP A 102 -13.27 16.77 17.11
N ASN A 103 -12.21 16.02 16.79
CA ASN A 103 -12.33 14.89 15.86
C ASN A 103 -12.83 13.70 16.66
N LEU A 104 -14.10 13.34 16.48
CA LEU A 104 -14.72 12.29 17.29
C LEU A 104 -14.57 10.92 16.61
N TRP A 105 -14.29 9.90 17.44
CA TRP A 105 -14.23 8.52 17.01
C TRP A 105 -15.09 7.72 17.99
N GLY A 106 -15.79 6.71 17.52
CA GLY A 106 -16.43 5.77 18.43
C GLY A 106 -15.43 4.78 19.00
N GLN A 107 -15.89 3.91 19.88
CA GLN A 107 -15.07 2.84 20.45
C GLN A 107 -14.78 1.68 19.48
N GLY A 108 -15.56 1.60 18.42
CA GLY A 108 -15.39 0.60 17.38
C GLY A 108 -16.32 -0.58 17.58
N THR A 109 -16.58 -1.29 16.51
CA THR A 109 -17.33 -2.52 16.55
C THR A 109 -16.49 -3.60 15.86
N LEU A 110 -16.48 -4.78 16.47
CA LEU A 110 -15.59 -5.87 16.08
C LEU A 110 -16.30 -6.82 15.11
N VAL A 111 -15.81 -6.90 13.86
CA VAL A 111 -16.31 -7.86 12.86
C VAL A 111 -15.35 -9.05 12.75
N THR A 112 -15.89 -10.27 12.83
CA THR A 112 -15.09 -11.49 12.65
C THR A 112 -15.66 -12.32 11.51
N VAL A 113 -14.82 -12.63 10.52
CA VAL A 113 -15.25 -13.44 9.40
C VAL A 113 -14.48 -14.76 9.44
N SER A 114 -15.20 -15.86 9.59
CA SER A 114 -14.60 -17.17 9.78
C SER A 114 -15.58 -18.31 9.48
N GLY A 115 -15.02 -19.42 8.95
CA GLY A 115 -15.75 -20.67 8.83
C GLY A 115 -16.02 -21.35 10.17
N THR A 116 -15.15 -21.12 11.15
CA THR A 116 -15.18 -21.86 12.43
C THR A 116 -16.33 -21.39 13.33
N GLN A 117 -17.03 -22.35 13.92
CA GLN A 117 -18.26 -22.04 14.67
C GLN A 117 -17.95 -21.39 16.03
N PRO A 118 -18.88 -20.58 16.55
CA PRO A 118 -18.62 -19.93 17.84
C PRO A 118 -18.45 -20.98 18.94
N LYS A 119 -17.52 -20.72 19.87
CA LYS A 119 -17.19 -21.62 20.97
C LYS A 119 -17.01 -20.86 22.28
N ALA A 120 -17.68 -21.31 23.33
CA ALA A 120 -17.48 -20.79 24.69
C ALA A 120 -16.10 -21.19 25.23
N PRO A 121 -15.50 -20.35 26.10
CA PRO A 121 -14.20 -20.68 26.66
C PRO A 121 -14.32 -21.68 27.82
N SER A 122 -13.28 -22.49 28.02
CA SER A 122 -13.07 -23.21 29.28
C SER A 122 -12.20 -22.37 30.22
N VAL A 123 -12.57 -22.31 31.50
CA VAL A 123 -11.87 -21.47 32.47
C VAL A 123 -11.22 -22.38 33.54
N PHE A 124 -9.91 -22.23 33.73
CA PHE A 124 -9.15 -23.02 34.72
C PHE A 124 -8.41 -22.10 35.71
N PRO A 125 -8.37 -22.45 37.02
CA PRO A 125 -7.65 -21.66 38.00
C PRO A 125 -6.14 -21.78 37.86
N LEU A 126 -5.45 -20.70 38.22
CA LEU A 126 -3.99 -20.63 38.29
C LEU A 126 -3.65 -20.34 39.75
N ALA A 127 -2.99 -21.30 40.40
CA ALA A 127 -2.51 -21.18 41.77
C ALA A 127 -1.08 -21.70 41.82
N PRO A 128 -0.23 -21.14 42.70
CA PRO A 128 1.13 -21.71 42.81
C PRO A 128 1.04 -23.12 43.41
N CYS A 129 2.10 -23.93 43.31
CA CYS A 129 1.99 -25.30 43.86
C CYS A 129 1.78 -25.26 45.38
N CYS A 130 0.88 -26.11 45.92
CA CYS A 130 0.49 -26.02 47.34
C CYS A 130 1.55 -26.61 48.27
N SER A 135 1.99 -17.79 52.94
CA SER A 135 2.67 -16.60 52.44
C SER A 135 1.82 -15.34 52.66
N SER A 136 2.50 -14.24 52.96
CA SER A 136 1.87 -12.96 53.29
C SER A 136 1.09 -12.37 52.08
N THR A 137 1.64 -12.57 50.88
CA THR A 137 1.03 -12.12 49.64
C THR A 137 1.11 -13.24 48.59
N VAL A 138 0.09 -13.36 47.74
CA VAL A 138 0.06 -14.41 46.71
C VAL A 138 -0.58 -13.93 45.39
N THR A 139 -0.14 -14.51 44.29
CA THR A 139 -0.71 -14.24 42.98
C THR A 139 -1.50 -15.43 42.44
N LEU A 140 -2.75 -15.15 42.10
CA LEU A 140 -3.71 -16.13 41.66
C LEU A 140 -4.26 -15.65 40.30
N GLY A 141 -4.87 -16.55 39.57
CA GLY A 141 -5.36 -16.19 38.25
C GLY A 141 -6.39 -17.10 37.68
N CYS A 142 -6.77 -16.80 36.44
CA CYS A 142 -7.67 -17.63 35.65
C CYS A 142 -7.14 -17.72 34.22
N LEU A 143 -7.07 -18.94 33.70
CA LEU A 143 -6.77 -19.21 32.30
C LEU A 143 -8.08 -19.37 31.56
N VAL A 144 -8.31 -18.53 30.56
CA VAL A 144 -9.54 -18.54 29.77
C VAL A 144 -9.15 -19.07 28.40
N LYS A 145 -9.51 -20.33 28.10
CA LYS A 145 -9.02 -20.99 26.89
C LYS A 145 -10.08 -21.49 25.91
N GLY A 146 -9.78 -21.34 24.62
CA GLY A 146 -10.53 -21.95 23.52
C GLY A 146 -11.84 -21.27 23.14
N TYR A 147 -11.85 -19.96 22.95
CA TYR A 147 -13.08 -19.22 22.58
C TYR A 147 -13.04 -18.56 21.21
N LEU A 148 -14.22 -18.35 20.65
CA LEU A 148 -14.40 -17.59 19.39
C LEU A 148 -15.85 -17.09 19.32
N PRO A 149 -16.09 -15.83 18.88
CA PRO A 149 -15.13 -14.78 18.60
C PRO A 149 -14.69 -14.09 19.90
N GLU A 150 -13.71 -13.20 19.75
CA GLU A 150 -13.44 -12.17 20.75
C GLU A 150 -14.69 -11.27 20.82
N PRO A 151 -14.90 -10.53 21.90
CA PRO A 151 -14.09 -10.54 23.11
C PRO A 151 -14.69 -11.43 24.19
N VAL A 152 -13.92 -11.65 25.24
CA VAL A 152 -14.46 -11.99 26.55
C VAL A 152 -14.19 -10.83 27.49
N THR A 153 -14.96 -10.77 28.57
CA THR A 153 -14.72 -9.84 29.63
C THR A 153 -14.33 -10.66 30.85
N VAL A 154 -13.36 -10.15 31.59
CA VAL A 154 -12.90 -10.74 32.84
C VAL A 154 -12.94 -9.68 33.91
N THR A 155 -13.64 -9.96 35.00
CA THR A 155 -13.59 -9.13 36.19
C THR A 155 -13.29 -10.03 37.37
N TRP A 156 -12.90 -9.43 38.48
CA TRP A 156 -12.59 -10.14 39.71
C TRP A 156 -13.54 -9.67 40.80
N ASN A 157 -14.16 -10.63 41.50
CA ASN A 157 -15.11 -10.35 42.56
C ASN A 157 -16.19 -9.33 42.13
N SER A 158 -16.78 -9.58 40.96
CA SER A 158 -17.86 -8.74 40.40
C SER A 158 -17.45 -7.28 40.16
N GLY A 159 -16.17 -7.06 39.88
CA GLY A 159 -15.61 -5.74 39.68
C GLY A 159 -15.10 -5.02 40.92
N THR A 160 -15.36 -5.54 42.12
CA THR A 160 -14.89 -4.92 43.37
C THR A 160 -13.38 -5.07 43.56
N LEU A 161 -12.78 -6.10 42.99
CA LEU A 161 -11.33 -6.30 43.06
C LEU A 161 -10.67 -5.75 41.78
N THR A 162 -9.97 -4.63 41.92
CA THR A 162 -9.27 -3.97 40.79
C THR A 162 -7.77 -3.72 41.02
N ASN A 163 -7.35 -3.51 42.27
CA ASN A 163 -5.92 -3.37 42.60
C ASN A 163 -5.11 -4.62 42.22
N GLY A 164 -4.04 -4.39 41.47
CA GLY A 164 -3.08 -5.43 41.16
C GLY A 164 -3.57 -6.51 40.22
N VAL A 165 -4.49 -6.15 39.34
CA VAL A 165 -5.02 -7.04 38.33
C VAL A 165 -4.24 -6.83 37.05
N ARG A 166 -3.90 -7.93 36.38
CA ARG A 166 -3.25 -7.89 35.09
C ARG A 166 -3.89 -8.92 34.19
N THR A 167 -4.48 -8.46 33.09
CA THR A 167 -5.08 -9.34 32.08
C THR A 167 -4.25 -9.17 30.82
N PHE A 168 -3.76 -10.30 30.30
CA PHE A 168 -2.82 -10.32 29.18
C PHE A 168 -3.61 -10.25 27.87
N PRO A 169 -3.01 -9.65 26.81
CA PRO A 169 -3.75 -9.69 25.54
C PRO A 169 -4.02 -11.15 25.11
N SER A 170 -5.14 -11.36 24.45
CA SER A 170 -5.47 -12.68 23.91
C SER A 170 -4.46 -13.09 22.85
N VAL A 171 -4.27 -14.40 22.72
CA VAL A 171 -3.46 -14.98 21.67
C VAL A 171 -4.34 -15.94 20.85
N ARG A 172 -4.25 -15.84 19.53
CA ARG A 172 -4.95 -16.73 18.64
C ARG A 172 -4.11 -18.01 18.44
N GLN A 173 -4.73 -19.16 18.68
CA GLN A 173 -4.06 -20.47 18.58
C GLN A 173 -4.03 -20.87 17.12
N SER A 174 -3.27 -21.93 16.81
CA SER A 174 -3.23 -22.52 15.46
C SER A 174 -4.61 -23.01 15.01
N SER A 175 -5.38 -23.51 15.96
CA SER A 175 -6.76 -23.94 15.75
C SER A 175 -7.72 -22.84 15.23
N GLY A 176 -7.45 -21.58 15.54
CA GLY A 176 -8.33 -20.46 15.19
C GLY A 176 -9.13 -19.94 16.38
N LEU A 177 -8.97 -20.60 17.52
CA LEU A 177 -9.57 -20.17 18.78
C LEU A 177 -8.60 -19.26 19.53
N TYR A 178 -9.14 -18.52 20.49
CA TYR A 178 -8.39 -17.55 21.30
C TYR A 178 -8.22 -18.03 22.73
N SER A 179 -7.13 -17.60 23.37
CA SER A 179 -6.87 -17.84 24.80
C SER A 179 -6.23 -16.63 25.46
N LEU A 180 -6.54 -16.41 26.73
CA LEU A 180 -5.88 -15.39 27.53
C LEU A 180 -5.82 -15.81 29.00
N SER A 181 -5.02 -15.09 29.78
CA SER A 181 -4.98 -15.24 31.23
C SER A 181 -5.19 -13.90 31.92
N SER A 182 -5.78 -13.96 33.10
CA SER A 182 -5.78 -12.85 34.04
C SER A 182 -5.22 -13.31 35.38
N VAL A 183 -4.41 -12.45 36.00
CA VAL A 183 -3.87 -12.72 37.33
C VAL A 183 -4.13 -11.53 38.22
N VAL A 184 -4.16 -11.81 39.52
CA VAL A 184 -4.37 -10.80 40.52
C VAL A 184 -3.52 -11.09 41.75
N SER A 185 -2.98 -10.03 42.34
CA SER A 185 -2.09 -10.17 43.49
C SER A 185 -2.88 -9.80 44.76
N VAL A 186 -3.02 -10.74 45.69
CA VAL A 186 -3.78 -10.49 46.92
C VAL A 186 -3.01 -10.93 48.17
N THR A 187 -3.46 -10.45 49.32
CA THR A 187 -2.86 -10.77 50.62
C THR A 187 -3.55 -11.96 51.26
N SER A 188 -2.98 -12.48 52.35
CA SER A 188 -3.54 -13.67 53.04
C SER A 188 -4.95 -13.47 53.60
N SER A 189 -5.29 -12.23 53.96
CA SER A 189 -6.62 -11.90 54.49
C SER A 189 -7.71 -11.93 53.42
N SER A 190 -7.31 -11.85 52.14
CA SER A 190 -8.21 -12.09 51.05
C SER A 190 -8.84 -13.48 51.13
N GLN A 191 -10.18 -13.50 51.12
CA GLN A 191 -10.93 -14.74 50.88
C GLN A 191 -10.66 -15.16 49.44
N PRO A 192 -10.87 -16.46 49.12
CA PRO A 192 -10.58 -16.88 47.75
C PRO A 192 -11.20 -15.90 46.73
N VAL A 193 -10.45 -15.55 45.71
CA VAL A 193 -10.90 -14.57 44.73
C VAL A 193 -11.65 -15.27 43.60
N THR A 194 -12.63 -14.60 43.02
CA THR A 194 -13.44 -15.21 41.96
C THR A 194 -13.28 -14.42 40.67
N CYS A 195 -12.89 -15.08 39.58
CA CYS A 195 -12.87 -14.44 38.26
C CYS A 195 -14.21 -14.68 37.57
N ASN A 196 -14.79 -13.60 37.06
CA ASN A 196 -16.07 -13.65 36.37
C ASN A 196 -15.77 -13.53 34.89
N VAL A 197 -15.84 -14.65 34.17
CA VAL A 197 -15.58 -14.70 32.73
C VAL A 197 -16.89 -14.75 31.97
N ALA A 198 -17.07 -13.80 31.06
CA ALA A 198 -18.27 -13.70 30.22
C ALA A 198 -17.91 -13.70 28.73
N HIS A 199 -18.70 -14.44 27.94
CA HIS A 199 -18.52 -14.52 26.50
C HIS A 199 -19.86 -14.18 25.85
N PRO A 200 -20.09 -12.86 25.55
CA PRO A 200 -21.34 -12.35 24.96
C PRO A 200 -21.85 -13.12 23.74
N ALA A 201 -20.94 -13.59 22.89
CA ALA A 201 -21.32 -14.28 21.65
C ALA A 201 -22.11 -15.56 21.88
N THR A 202 -21.80 -16.28 22.95
CA THR A 202 -22.50 -17.52 23.31
C THR A 202 -23.43 -17.33 24.50
N ASN A 203 -23.59 -16.08 24.95
CA ASN A 203 -24.28 -15.73 26.19
C ASN A 203 -23.94 -16.69 27.34
N THR A 204 -22.64 -16.78 27.60
CA THR A 204 -22.06 -17.68 28.60
C THR A 204 -21.35 -16.86 29.68
N LYS A 205 -21.46 -17.34 30.91
CA LYS A 205 -20.83 -16.73 32.07
C LYS A 205 -20.24 -17.86 32.90
N VAL A 206 -18.98 -17.73 33.27
CA VAL A 206 -18.32 -18.67 34.18
C VAL A 206 -17.72 -17.91 35.37
N ASP A 207 -18.08 -18.29 36.58
CA ASP A 207 -17.39 -17.79 37.78
C ASP A 207 -16.49 -18.92 38.31
N LYS A 208 -15.18 -18.67 38.40
CA LYS A 208 -14.24 -19.64 38.96
C LYS A 208 -13.55 -19.03 40.16
N THR A 209 -13.68 -19.70 41.31
CA THR A 209 -13.09 -19.23 42.58
C THR A 209 -11.72 -19.88 42.73
N VAL A 210 -10.75 -19.08 43.14
CA VAL A 210 -9.35 -19.48 43.14
C VAL A 210 -8.75 -19.20 44.53
N ALA A 211 -8.10 -20.21 45.10
CA ALA A 211 -7.48 -20.11 46.42
C ALA A 211 -6.05 -20.70 46.41
N PRO A 212 -5.14 -20.17 47.26
CA PRO A 212 -3.78 -20.76 47.39
C PRO A 212 -3.81 -22.28 47.64
N THR B 1 0.21 8.24 -3.60
CA THR B 1 -0.10 6.79 -3.63
C THR B 1 0.59 6.00 -2.52
N GLY B 2 1.79 6.41 -2.08
CA GLY B 2 2.52 5.76 -0.95
C GLY B 2 2.80 6.73 0.19
N MET B 3 2.39 6.39 1.40
CA MET B 3 2.72 7.15 2.60
C MET B 3 3.60 6.32 3.52
N THR B 4 4.85 6.74 3.68
CA THR B 4 5.83 6.00 4.45
C THR B 4 6.18 6.73 5.75
N GLN B 5 6.07 6.02 6.87
CA GLN B 5 6.48 6.55 8.15
C GLN B 5 7.79 5.91 8.60
N THR B 6 8.44 6.56 9.56
CA THR B 6 9.57 6.01 10.29
C THR B 6 9.32 4.57 10.72
N PRO B 7 10.23 3.62 10.37
CA PRO B 7 10.13 2.21 10.83
C PRO B 7 10.08 2.05 12.35
N SER B 8 9.32 1.06 12.81
CA SER B 8 9.21 0.74 14.24
C SER B 8 10.30 -0.24 14.67
N PRO B 9 10.74 -0.19 15.93
CA PRO B 9 10.34 0.74 16.98
C PRO B 9 11.23 1.95 17.02
N VAL B 10 10.69 3.06 17.48
CA VAL B 10 11.51 4.18 17.87
C VAL B 10 11.65 4.09 19.39
N SER B 11 12.88 4.09 19.88
CA SER B 11 13.18 3.95 21.31
C SER B 11 13.58 5.28 21.85
N ALA B 12 12.88 5.76 22.86
CA ALA B 12 13.08 7.09 23.41
C ALA B 12 13.25 6.98 24.91
N ALA B 13 14.35 7.53 25.41
CA ALA B 13 14.54 7.58 26.84
C ALA B 13 13.61 8.66 27.40
N VAL B 14 13.15 8.41 28.64
CA VAL B 14 12.35 9.34 29.40
C VAL B 14 13.07 10.70 29.43
N GLY B 15 12.32 11.77 29.20
CA GLY B 15 12.89 13.10 29.11
C GLY B 15 13.54 13.46 27.78
N GLY B 16 13.70 12.50 26.87
CA GLY B 16 14.32 12.76 25.58
C GLY B 16 13.34 13.37 24.58
N THR B 17 13.81 13.59 23.36
CA THR B 17 12.99 14.06 22.25
C THR B 17 13.02 13.02 21.15
N VAL B 18 11.86 12.77 20.56
CA VAL B 18 11.75 11.83 19.44
C VAL B 18 11.06 12.51 18.25
N THR B 19 11.44 12.09 17.04
CA THR B 19 10.81 12.53 15.82
C THR B 19 10.25 11.35 15.08
N ILE B 20 9.06 11.52 14.54
CA ILE B 20 8.43 10.53 13.67
C ILE B 20 8.22 11.22 12.33
N ASN B 21 8.66 10.57 11.26
CA ASN B 21 8.54 11.12 9.90
C ASN B 21 7.46 10.45 9.10
N CYS B 22 6.77 11.26 8.30
CA CYS B 22 5.74 10.82 7.39
C CYS B 22 6.10 11.42 6.04
N GLN B 23 6.21 10.56 5.02
CA GLN B 23 6.53 11.01 3.67
C GLN B 23 5.47 10.52 2.69
N ALA B 24 4.98 11.44 1.86
CA ALA B 24 3.97 11.12 0.84
C ALA B 24 4.59 11.24 -0.57
N SER B 25 4.24 10.31 -1.45
CA SER B 25 4.71 10.32 -2.84
C SER B 25 4.12 11.51 -3.62
N GLN B 26 2.91 11.93 -3.25
CA GLN B 26 2.26 13.13 -3.79
C GLN B 26 2.07 14.13 -2.67
N SER B 27 1.96 15.42 -3.03
CA SER B 27 1.67 16.45 -2.06
C SER B 27 0.22 16.31 -1.55
N VAL B 28 0.04 16.50 -0.23
CA VAL B 28 -1.31 16.51 0.34
C VAL B 28 -2.08 17.71 -0.20
N TYR B 29 -3.41 17.61 -0.21
CA TYR B 29 -4.29 18.66 -0.70
C TYR B 29 -4.06 19.96 0.04
N ASN B 30 -3.82 21.04 -0.73
CA ASN B 30 -3.49 22.37 -0.16
C ASN B 30 -2.20 22.38 0.70
N ASN B 31 -1.32 21.41 0.50
CA ASN B 31 -0.02 21.28 1.21
C ASN B 31 0.01 21.05 2.75
N TYR B 32 -1.04 21.41 3.50
CA TYR B 32 -0.98 21.23 4.98
C TYR B 32 -2.12 20.40 5.56
N LEU B 33 -2.98 19.81 4.73
CA LEU B 33 -4.12 19.04 5.25
C LEU B 33 -3.65 17.62 5.61
N LEU B 34 -2.94 17.58 6.72
CA LEU B 34 -2.29 16.38 7.24
C LEU B 34 -2.55 16.40 8.74
N SER B 35 -3.02 15.31 9.29
CA SER B 35 -3.26 15.21 10.73
C SER B 35 -2.48 14.04 11.35
N TRP B 36 -2.20 14.13 12.65
CA TRP B 36 -1.47 13.11 13.40
C TRP B 36 -2.34 12.54 14.50
N TYR B 37 -2.13 11.27 14.82
CA TYR B 37 -2.93 10.53 15.79
C TYR B 37 -2.04 9.69 16.71
N GLN B 38 -2.48 9.53 17.95
CA GLN B 38 -1.88 8.58 18.90
C GLN B 38 -2.90 7.49 19.15
N GLN B 39 -2.44 6.22 19.11
CA GLN B 39 -3.26 5.07 19.51
C GLN B 39 -2.58 4.22 20.58
N LYS B 40 -3.26 4.09 21.72
CA LYS B 40 -2.86 3.16 22.76
C LYS B 40 -3.69 1.88 22.61
N PRO B 41 -3.14 0.72 23.03
CA PRO B 41 -3.90 -0.53 22.88
C PRO B 41 -5.28 -0.52 23.49
N GLY B 42 -6.26 -1.09 22.80
CA GLY B 42 -7.64 -1.11 23.30
C GLY B 42 -8.45 0.14 23.09
N GLN B 43 -7.86 1.19 22.46
CA GLN B 43 -8.55 2.46 22.30
C GLN B 43 -8.63 2.91 20.83
N PRO B 44 -9.64 3.72 20.49
CA PRO B 44 -9.58 4.40 19.19
C PRO B 44 -8.43 5.40 19.16
N PRO B 45 -7.92 5.73 17.95
CA PRO B 45 -6.91 6.76 17.89
C PRO B 45 -7.46 8.13 18.32
N LYS B 46 -6.56 8.94 18.89
CA LYS B 46 -6.86 10.29 19.36
C LYS B 46 -6.05 11.27 18.48
N ARG B 47 -6.73 12.27 17.93
CA ARG B 47 -6.06 13.26 17.11
C ARG B 47 -5.21 14.20 17.99
N LEU B 48 -3.96 14.35 17.59
CA LEU B 48 -2.98 15.22 18.23
C LEU B 48 -2.85 16.56 17.52
N ILE B 49 -2.85 16.51 16.20
CA ILE B 49 -2.50 17.66 15.36
C ILE B 49 -3.35 17.65 14.11
N TYR B 50 -3.75 18.85 13.67
CA TYR B 50 -4.32 19.02 12.33
C TYR B 50 -3.69 20.24 11.65
N SER B 51 -3.96 20.37 10.36
CA SER B 51 -3.33 21.39 9.53
C SER B 51 -1.82 21.34 9.63
N ALA B 52 -1.28 20.13 9.75
CA ALA B 52 0.17 19.87 9.88
C ALA B 52 0.84 20.32 11.18
N SER B 53 0.43 21.47 11.76
CA SER B 53 1.08 22.03 12.94
C SER B 53 0.18 22.57 14.03
N THR B 54 -1.14 22.54 13.88
CA THR B 54 -2.04 23.07 14.90
C THR B 54 -2.38 21.96 15.90
N LEU B 55 -2.18 22.27 17.16
CA LEU B 55 -2.39 21.34 18.25
C LEU B 55 -3.90 21.25 18.51
N ALA B 56 -4.41 20.02 18.55
CA ALA B 56 -5.82 19.80 18.86
C ALA B 56 -6.10 20.09 20.33
N SER B 57 -7.33 20.48 20.63
CA SER B 57 -7.72 20.83 21.98
C SER B 57 -7.56 19.64 22.91
N GLY B 58 -7.01 19.89 24.10
CA GLY B 58 -6.81 18.86 25.10
C GLY B 58 -5.43 18.21 25.08
N VAL B 59 -4.65 18.48 24.03
CA VAL B 59 -3.42 17.74 23.80
C VAL B 59 -2.24 18.52 24.37
N SER B 60 -1.31 17.80 24.98
CA SER B 60 -0.12 18.39 25.55
C SER B 60 0.75 19.14 24.52
N SER B 61 1.28 20.29 24.95
CA SER B 61 2.24 21.08 24.15
C SER B 61 3.59 20.38 23.89
N ARG B 62 3.83 19.24 24.54
CA ARG B 62 4.96 18.38 24.22
C ARG B 62 4.89 17.81 22.79
N PHE B 63 3.69 17.69 22.22
CA PHE B 63 3.50 17.26 20.84
C PHE B 63 3.58 18.46 19.86
N LYS B 64 4.44 18.35 18.86
CA LYS B 64 4.46 19.33 17.76
C LYS B 64 4.55 18.71 16.38
N GLY B 65 3.83 19.31 15.44
CA GLY B 65 3.83 18.88 14.07
C GLY B 65 4.48 19.94 13.19
N SER B 66 5.27 19.52 12.22
CA SER B 66 5.80 20.45 11.22
C SER B 66 5.82 19.80 9.84
N GLY B 67 6.07 20.63 8.83
CA GLY B 67 6.19 20.17 7.47
C GLY B 67 5.13 20.73 6.54
N SER B 68 5.24 20.37 5.27
CA SER B 68 4.35 20.83 4.22
C SER B 68 4.59 19.99 2.99
N GLY B 69 3.58 19.92 2.14
CA GLY B 69 3.68 19.21 0.85
C GLY B 69 3.75 17.70 1.00
N THR B 70 4.96 17.15 0.96
CA THR B 70 5.20 15.72 0.99
C THR B 70 5.92 15.24 2.26
N GLN B 71 6.42 16.15 3.10
CA GLN B 71 7.30 15.80 4.23
C GLN B 71 6.79 16.40 5.53
N PHE B 72 6.53 15.53 6.50
CA PHE B 72 5.90 15.95 7.76
C PHE B 72 6.60 15.22 8.89
N THR B 73 6.61 15.87 10.06
CA THR B 73 7.25 15.31 11.23
C THR B 73 6.40 15.59 12.47
N LEU B 74 6.28 14.58 13.33
CA LEU B 74 5.71 14.76 14.67
C LEU B 74 6.87 14.64 15.63
N THR B 75 7.04 15.65 16.48
CA THR B 75 8.05 15.63 17.51
C THR B 75 7.35 15.52 18.87
N ILE B 76 7.89 14.65 19.70
CA ILE B 76 7.44 14.49 21.08
C ILE B 76 8.63 14.89 21.94
N SER B 77 8.47 15.96 22.71
CA SER B 77 9.53 16.39 23.62
C SER B 77 9.20 15.95 25.04
N ASP B 78 10.25 15.92 25.85
CA ASP B 78 10.20 15.47 27.22
C ASP B 78 9.38 14.16 27.32
N VAL B 79 9.84 13.15 26.58
CA VAL B 79 9.09 11.90 26.39
C VAL B 79 8.79 11.27 27.76
N GLN B 80 7.52 10.92 27.99
CA GLN B 80 7.07 10.24 29.22
C GLN B 80 6.64 8.81 28.92
N CYS B 81 6.58 7.99 29.99
CA CYS B 81 6.11 6.62 29.86
C CYS B 81 4.72 6.53 29.19
N ASP B 82 3.87 7.50 29.49
CA ASP B 82 2.55 7.55 28.90
C ASP B 82 2.53 7.72 27.33
N ASP B 83 3.66 8.14 26.74
CA ASP B 83 3.76 8.31 25.28
C ASP B 83 4.00 7.01 24.53
N ALA B 84 4.20 5.90 25.26
CA ALA B 84 4.25 4.58 24.64
C ALA B 84 2.96 4.26 23.88
N ALA B 85 3.07 4.15 22.57
CA ALA B 85 1.90 4.16 21.70
C ALA B 85 2.34 4.00 20.26
N THR B 86 1.36 3.86 19.37
CA THR B 86 1.57 3.88 17.95
C THR B 86 0.98 5.17 17.36
N TYR B 87 1.76 5.83 16.52
CA TYR B 87 1.45 7.17 16.03
C TYR B 87 1.26 7.07 14.52
N TYR B 88 0.24 7.76 14.01
CA TYR B 88 -0.13 7.67 12.60
C TYR B 88 -0.33 9.06 12.02
N CYS B 89 0.18 9.26 10.80
CA CYS B 89 -0.18 10.44 10.00
C CYS B 89 -1.39 10.10 9.12
N LEU B 90 -2.16 11.12 8.77
CA LEU B 90 -3.33 10.96 7.90
C LEU B 90 -3.33 12.10 6.87
N GLY B 91 -3.21 11.74 5.60
CA GLY B 91 -3.15 12.70 4.50
C GLY B 91 -4.47 12.81 3.78
N SER B 92 -4.68 13.98 3.18
CA SER B 92 -5.86 14.28 2.40
C SER B 92 -5.44 14.47 0.96
N TYR B 93 -6.22 13.88 0.04
CA TYR B 93 -5.97 13.99 -1.39
C TYR B 93 -7.30 14.09 -2.13
N ASP B 94 -7.25 14.56 -3.37
CA ASP B 94 -8.45 14.65 -4.22
C ASP B 94 -9.06 13.25 -4.43
N GLY B 95 -10.28 13.05 -3.93
CA GLY B 95 -10.94 11.73 -3.95
C GLY B 95 -11.25 11.14 -5.32
N ASN B 96 -11.35 12.01 -6.32
CA ASN B 96 -11.50 11.60 -7.72
C ASN B 96 -10.22 11.00 -8.32
N SER B 97 -9.06 11.43 -7.85
CA SER B 97 -7.76 11.05 -8.41
C SER B 97 -6.96 10.04 -7.56
N ALA B 98 -7.34 9.90 -6.28
CA ALA B 98 -6.63 9.06 -5.33
C ALA B 98 -7.55 8.73 -4.17
N ASP B 99 -7.03 8.01 -3.19
CA ASP B 99 -7.77 7.85 -1.95
C ASP B 99 -7.99 9.22 -1.27
N CYS B 100 -9.25 9.51 -0.96
CA CYS B 100 -9.67 10.77 -0.31
C CYS B 100 -8.88 11.08 0.95
N LEU B 101 -8.71 10.04 1.77
CA LEU B 101 -7.92 10.06 3.00
C LEU B 101 -7.02 8.81 2.99
N ALA B 102 -5.77 8.94 3.46
CA ALA B 102 -4.82 7.82 3.55
C ALA B 102 -3.96 7.89 4.81
N PHE B 103 -3.95 6.80 5.60
CA PHE B 103 -3.06 6.68 6.76
C PHE B 103 -1.69 6.14 6.35
N GLY B 104 -0.64 6.69 6.92
CA GLY B 104 0.65 5.99 7.02
C GLY B 104 0.51 4.69 7.83
N GLY B 105 1.54 3.84 7.74
CA GLY B 105 1.48 2.49 8.30
C GLY B 105 1.60 2.42 9.82
N GLY B 106 1.98 3.51 10.46
CA GLY B 106 2.06 3.58 11.92
C GLY B 106 3.49 3.44 12.39
N THR B 107 3.84 4.10 13.49
CA THR B 107 5.19 4.04 14.07
C THR B 107 5.05 3.84 15.58
N GLU B 108 5.56 2.72 16.10
CA GLU B 108 5.46 2.44 17.53
C GLU B 108 6.61 3.11 18.29
N VAL B 109 6.26 3.80 19.37
CA VAL B 109 7.24 4.38 20.29
C VAL B 109 7.34 3.48 21.52
N VAL B 110 8.56 3.05 21.81
CA VAL B 110 8.89 2.26 23.03
C VAL B 110 9.66 3.22 23.94
N VAL B 111 9.16 3.48 25.14
CA VAL B 111 9.80 4.41 26.07
C VAL B 111 10.74 3.67 27.05
N LYS B 112 12.03 4.05 27.05
CA LYS B 112 13.04 3.46 27.93
C LYS B 112 13.04 4.17 29.27
N GLY B 113 12.39 3.55 30.25
CA GLY B 113 12.43 4.04 31.61
C GLY B 113 13.53 3.32 32.39
N THR B 114 13.37 3.29 33.70
CA THR B 114 14.36 2.71 34.60
C THR B 114 14.36 1.19 34.45
N PRO B 115 15.54 0.57 34.16
CA PRO B 115 15.58 -0.90 34.10
C PRO B 115 15.17 -1.60 35.42
N VAL B 116 14.49 -2.72 35.29
CA VAL B 116 14.00 -3.50 36.43
C VAL B 116 13.99 -4.97 36.01
N ALA B 117 14.57 -5.82 36.85
CA ALA B 117 14.58 -7.26 36.61
C ALA B 117 13.18 -7.84 36.90
N PRO B 118 12.73 -8.82 36.11
CA PRO B 118 11.42 -9.43 36.35
C PRO B 118 11.49 -10.36 37.54
N THR B 119 10.35 -10.56 38.19
CA THR B 119 10.17 -11.71 39.09
C THR B 119 9.33 -12.69 38.27
N VAL B 120 9.48 -14.00 38.54
CA VAL B 120 8.84 -15.03 37.74
C VAL B 120 7.95 -15.91 38.61
N LEU B 121 6.75 -16.21 38.12
CA LEU B 121 5.82 -17.16 38.74
C LEU B 121 5.49 -18.27 37.76
N ILE B 122 5.30 -19.48 38.26
CA ILE B 122 4.87 -20.59 37.43
C ILE B 122 3.61 -21.19 38.03
N PHE B 123 2.68 -21.58 37.17
CA PHE B 123 1.37 -22.05 37.60
C PHE B 123 1.16 -23.45 37.02
N PRO B 124 1.21 -24.50 37.88
CA PRO B 124 0.90 -25.84 37.36
C PRO B 124 -0.56 -25.96 36.93
N PRO B 125 -0.84 -26.87 35.98
CA PRO B 125 -2.21 -26.92 35.45
C PRO B 125 -3.18 -27.35 36.54
N ALA B 126 -4.39 -26.79 36.52
CA ALA B 126 -5.43 -27.21 37.44
C ALA B 126 -5.72 -28.71 37.22
N ALA B 127 -6.06 -29.42 38.29
CA ALA B 127 -6.26 -30.88 38.22
C ALA B 127 -7.25 -31.30 37.13
N ASP B 128 -8.31 -30.52 36.95
CA ASP B 128 -9.33 -30.84 35.94
C ASP B 128 -8.88 -30.68 34.47
N GLN B 129 -7.70 -30.10 34.23
CA GLN B 129 -7.17 -29.98 32.87
C GLN B 129 -6.85 -31.32 32.22
N VAL B 130 -6.18 -32.20 32.97
CA VAL B 130 -5.55 -33.40 32.38
C VAL B 130 -6.56 -34.34 31.70
N ALA B 131 -7.74 -34.47 32.31
CA ALA B 131 -8.82 -35.30 31.75
C ALA B 131 -9.38 -34.80 30.41
N THR B 132 -9.19 -33.52 30.11
CA THR B 132 -9.64 -32.96 28.82
C THR B 132 -8.79 -33.41 27.65
N GLY B 133 -7.57 -33.88 27.92
CA GLY B 133 -6.66 -34.31 26.85
C GLY B 133 -5.51 -33.35 26.61
N THR B 134 -5.78 -32.04 26.82
CA THR B 134 -4.80 -30.98 26.64
C THR B 134 -4.44 -30.35 27.99
N VAL B 135 -3.14 -30.13 28.19
CA VAL B 135 -2.61 -29.48 29.37
C VAL B 135 -1.93 -28.16 28.98
N THR B 136 -2.12 -27.12 29.81
CA THR B 136 -1.57 -25.80 29.58
C THR B 136 -0.89 -25.25 30.84
N ILE B 137 0.44 -25.15 30.81
CA ILE B 137 1.22 -24.58 31.93
C ILE B 137 1.48 -23.09 31.62
N VAL B 138 1.30 -22.23 32.63
CA VAL B 138 1.46 -20.77 32.49
C VAL B 138 2.62 -20.27 33.34
N CYS B 139 3.54 -19.55 32.69
CA CYS B 139 4.63 -18.85 33.35
C CYS B 139 4.42 -17.34 33.16
N VAL B 140 4.62 -16.56 34.23
CA VAL B 140 4.43 -15.09 34.20
C VAL B 140 5.68 -14.36 34.64
N ALA B 141 6.02 -13.28 33.91
CA ALA B 141 7.12 -12.39 34.29
C ALA B 141 6.54 -11.01 34.57
N ASN B 142 6.83 -10.51 35.77
CA ASN B 142 6.13 -9.38 36.36
C ASN B 142 7.01 -8.16 36.32
N LYS B 143 6.46 -7.03 35.86
CA LYS B 143 7.02 -5.70 36.10
C LYS B 143 8.51 -5.55 35.78
N TYR B 144 8.80 -5.59 34.48
CA TYR B 144 10.17 -5.62 33.98
C TYR B 144 10.38 -4.68 32.79
N PHE B 145 11.61 -4.21 32.66
CA PHE B 145 12.07 -3.49 31.46
C PHE B 145 13.58 -3.57 31.50
N PRO B 146 14.26 -3.84 30.37
CA PRO B 146 13.77 -3.99 28.99
C PRO B 146 13.20 -5.39 28.72
N ASP B 147 12.96 -5.71 27.45
CA ASP B 147 12.40 -7.01 27.05
C ASP B 147 13.18 -8.22 27.55
N VAL B 148 12.45 -9.32 27.71
CA VAL B 148 13.02 -10.60 28.16
C VAL B 148 12.84 -11.62 27.05
N THR B 149 13.56 -12.73 27.15
CA THR B 149 13.29 -13.94 26.35
C THR B 149 12.93 -15.08 27.31
N VAL B 150 12.01 -15.93 26.90
CA VAL B 150 11.54 -17.05 27.71
C VAL B 150 11.97 -18.35 27.04
N THR B 151 12.52 -19.27 27.83
CA THR B 151 12.79 -20.63 27.38
C THR B 151 12.14 -21.60 28.38
N TRP B 152 11.52 -22.64 27.83
CA TRP B 152 10.88 -23.68 28.62
C TRP B 152 11.75 -24.93 28.56
N GLU B 153 11.89 -25.61 29.71
CA GLU B 153 12.66 -26.86 29.80
C GLU B 153 11.83 -27.93 30.50
N VAL B 154 11.71 -29.13 29.89
CA VAL B 154 11.11 -30.31 30.55
C VAL B 154 12.17 -31.41 30.74
N ASP B 155 12.45 -31.75 32.00
CA ASP B 155 13.57 -32.64 32.34
C ASP B 155 14.92 -32.20 31.71
N GLY B 156 15.14 -30.89 31.65
CA GLY B 156 16.37 -30.33 31.05
C GLY B 156 16.37 -30.18 29.53
N THR B 157 15.34 -30.69 28.83
CA THR B 157 15.22 -30.56 27.38
C THR B 157 14.47 -29.28 27.01
N THR B 158 15.09 -28.43 26.21
CA THR B 158 14.54 -27.15 25.81
C THR B 158 13.39 -27.35 24.82
N GLN B 159 12.23 -26.78 25.13
CA GLN B 159 11.04 -26.92 24.29
C GLN B 159 11.11 -26.00 23.08
N THR B 160 10.83 -26.55 21.90
CA THR B 160 10.82 -25.80 20.64
C THR B 160 9.42 -25.56 20.07
N THR B 161 8.38 -26.12 20.71
CA THR B 161 7.01 -26.11 20.15
C THR B 161 5.94 -25.93 21.25
N GLY B 162 4.78 -25.43 20.83
CA GLY B 162 3.62 -25.30 21.72
C GLY B 162 3.71 -24.18 22.75
N ILE B 163 4.54 -23.18 22.45
CA ILE B 163 4.79 -22.04 23.34
C ILE B 163 4.14 -20.80 22.72
N GLU B 164 3.33 -20.09 23.51
CA GLU B 164 2.72 -18.82 23.09
C GLU B 164 2.93 -17.76 24.16
N ASN B 165 3.35 -16.57 23.73
CA ASN B 165 3.68 -15.47 24.62
C ASN B 165 2.76 -14.29 24.38
N SER B 166 2.40 -13.61 25.47
CA SER B 166 1.55 -12.43 25.41
C SER B 166 2.05 -11.37 26.39
N LYS B 167 2.29 -10.16 25.89
CA LYS B 167 2.93 -9.10 26.63
C LYS B 167 1.98 -7.93 26.82
N THR B 168 1.86 -7.42 28.04
CA THR B 168 1.01 -6.26 28.29
C THR B 168 1.67 -5.02 27.67
N PRO B 169 0.87 -3.95 27.40
CA PRO B 169 1.50 -2.70 26.96
C PRO B 169 2.23 -2.01 28.10
N GLN B 170 3.24 -1.20 27.74
CA GLN B 170 4.07 -0.53 28.73
C GLN B 170 3.20 0.24 29.70
N ASN B 171 3.50 0.07 30.97
CA ASN B 171 2.77 0.78 32.01
C ASN B 171 3.03 2.27 31.86
N SER B 172 1.98 3.08 32.01
CA SER B 172 2.06 4.51 31.73
C SER B 172 2.70 5.33 32.87
N ALA B 173 2.88 4.73 34.05
CA ALA B 173 3.60 5.35 35.15
C ALA B 173 5.10 5.02 35.11
N ASP B 174 5.46 3.73 34.98
CA ASP B 174 6.85 3.29 35.10
C ASP B 174 7.47 2.58 33.89
N CYS B 175 6.74 2.49 32.78
CA CYS B 175 7.26 1.93 31.52
C CYS B 175 7.41 0.39 31.50
N THR B 176 7.06 -0.31 32.58
CA THR B 176 7.33 -1.75 32.67
C THR B 176 6.35 -2.62 31.85
N TYR B 177 6.85 -3.80 31.46
CA TYR B 177 6.03 -4.83 30.86
C TYR B 177 5.63 -5.92 31.87
N ASN B 178 4.60 -6.66 31.52
CA ASN B 178 4.28 -7.98 32.09
C ASN B 178 4.12 -8.94 30.92
N LEU B 179 4.59 -10.17 31.10
CA LEU B 179 4.51 -11.21 30.07
C LEU B 179 3.89 -12.48 30.63
N SER B 180 3.05 -13.13 29.81
CA SER B 180 2.51 -14.44 30.13
C SER B 180 2.98 -15.36 29.01
N SER B 181 3.64 -16.45 29.39
CA SER B 181 4.13 -17.47 28.45
C SER B 181 3.43 -18.77 28.78
N THR B 182 2.84 -19.41 27.76
CA THR B 182 2.01 -20.59 27.96
C THR B 182 2.61 -21.79 27.21
N LEU B 183 2.81 -22.90 27.91
CA LEU B 183 3.26 -24.17 27.29
C LEU B 183 2.09 -25.17 27.20
N THR B 184 1.67 -25.50 25.98
CA THR B 184 0.54 -26.39 25.72
C THR B 184 1.04 -27.78 25.24
N LEU B 185 0.68 -28.83 25.98
CA LEU B 185 1.03 -30.21 25.65
C LEU B 185 -0.22 -31.10 25.73
N THR B 186 -0.14 -32.29 25.14
CA THR B 186 -1.15 -33.32 25.36
C THR B 186 -0.97 -33.92 26.75
N SER B 187 -2.03 -34.56 27.27
CA SER B 187 -1.99 -35.16 28.61
C SER B 187 -0.97 -36.29 28.75
N THR B 188 -0.84 -37.15 27.73
CA THR B 188 0.18 -38.20 27.69
C THR B 188 1.58 -37.59 27.65
N GLN B 189 1.77 -36.55 26.84
CA GLN B 189 3.04 -35.79 26.81
C GLN B 189 3.35 -35.20 28.18
N TYR B 190 2.37 -34.54 28.78
CA TYR B 190 2.50 -33.98 30.13
C TYR B 190 2.80 -35.05 31.19
N ASN B 191 2.08 -36.17 31.10
CA ASN B 191 2.29 -37.32 32.00
C ASN B 191 3.54 -38.16 31.70
N SER B 192 4.29 -37.86 30.63
CA SER B 192 5.61 -38.48 30.35
C SER B 192 6.83 -37.90 31.12
N HIS B 193 6.74 -36.65 31.58
CA HIS B 193 7.87 -35.93 32.19
C HIS B 193 7.60 -35.44 33.63
N LYS B 194 8.67 -35.26 34.41
CA LYS B 194 8.56 -34.90 35.82
C LYS B 194 8.66 -33.39 36.08
N GLU B 195 9.74 -32.78 35.61
CA GLU B 195 10.09 -31.39 35.95
C GLU B 195 9.74 -30.39 34.84
N TYR B 196 8.98 -29.35 35.23
CA TYR B 196 8.60 -28.28 34.31
C TYR B 196 9.22 -26.99 34.76
N THR B 197 10.00 -26.38 33.86
CA THR B 197 10.83 -25.23 34.16
C THR B 197 10.58 -24.10 33.15
N CYS B 198 10.44 -22.87 33.66
CA CYS B 198 10.36 -21.69 32.81
C CYS B 198 11.49 -20.75 33.21
N LYS B 199 12.29 -20.37 32.22
CA LYS B 199 13.47 -19.58 32.43
C LYS B 199 13.34 -18.27 31.64
N VAL B 200 13.39 -17.15 32.36
CA VAL B 200 13.21 -15.81 31.82
C VAL B 200 14.55 -15.11 31.93
N THR B 201 15.09 -14.74 30.77
CA THR B 201 16.40 -14.09 30.65
C THR B 201 16.25 -12.63 30.22
N GLN B 202 17.00 -11.75 30.88
CA GLN B 202 17.02 -10.31 30.59
C GLN B 202 18.49 -9.92 30.45
N GLY B 203 18.91 -9.75 29.20
CA GLY B 203 20.31 -9.56 28.85
C GLY B 203 21.10 -10.80 29.21
N THR B 204 22.04 -10.67 30.13
CA THR B 204 22.89 -11.80 30.58
C THR B 204 22.25 -12.61 31.73
N THR B 205 21.34 -11.99 32.49
CA THR B 205 20.90 -12.58 33.78
C THR B 205 19.60 -13.34 33.61
N SER B 206 19.44 -14.41 34.40
CA SER B 206 18.38 -15.39 34.20
C SER B 206 17.64 -15.69 35.49
N VAL B 207 16.31 -15.82 35.41
CA VAL B 207 15.45 -16.11 36.56
C VAL B 207 14.58 -17.33 36.21
N VAL B 208 14.53 -18.29 37.12
CA VAL B 208 13.93 -19.60 36.86
C VAL B 208 12.87 -19.93 37.91
N GLN B 209 11.77 -20.52 37.45
CA GLN B 209 10.79 -21.18 38.32
C GLN B 209 10.48 -22.56 37.77
N SER B 210 10.44 -23.55 38.68
CA SER B 210 10.13 -24.94 38.34
C SER B 210 9.11 -25.53 39.29
N PHE B 211 8.40 -26.54 38.82
CA PHE B 211 7.67 -27.48 39.69
C PHE B 211 7.85 -28.91 39.15
N ASN B 212 7.70 -29.90 40.03
CA ASN B 212 7.72 -31.31 39.63
C ASN B 212 6.27 -31.78 39.50
N ARG B 213 5.94 -32.43 38.39
CA ARG B 213 4.57 -32.89 38.14
C ARG B 213 4.08 -33.76 39.29
N GLY B 214 2.85 -33.50 39.73
CA GLY B 214 2.23 -34.27 40.81
C GLY B 214 2.97 -34.14 42.12
N ASP B 215 3.53 -32.96 42.36
CA ASP B 215 4.25 -32.67 43.59
C ASP B 215 3.91 -31.26 44.02
N CYS B 216 3.88 -31.00 45.32
CA CYS B 216 3.57 -29.66 45.83
C CYS B 216 4.27 -29.43 47.16
N SER C 218 -17.82 35.05 -7.77
CA SER C 218 -17.05 34.99 -6.50
C SER C 218 -17.93 35.30 -5.25
N PHE C 219 -17.31 35.26 -4.07
CA PHE C 219 -18.04 35.30 -2.80
C PHE C 219 -17.46 36.29 -1.81
N VAL C 220 -18.30 36.73 -0.89
CA VAL C 220 -17.91 37.57 0.25
C VAL C 220 -18.02 36.68 1.48
N CYS C 221 -16.96 36.58 2.26
CA CYS C 221 -16.93 35.67 3.42
C CYS C 221 -16.76 36.42 4.73
N PHE C 222 -17.57 36.02 5.72
CA PHE C 222 -17.59 36.61 7.04
C PHE C 222 -17.06 35.56 8.01
N GLU C 223 -16.07 35.93 8.81
CA GLU C 223 -15.33 35.00 9.63
C GLU C 223 -15.66 35.21 11.09
N HIS C 224 -16.00 34.14 11.79
CA HIS C 224 -16.17 34.23 13.25
C HIS C 224 -14.84 33.99 13.93
N LYS C 225 -14.49 34.83 14.89
CA LYS C 225 -13.37 34.51 15.82
C LYS C 225 -13.80 34.48 17.29
N SER C 243 -8.54 39.79 3.43
CA SER C 243 -9.78 39.03 3.31
C SER C 243 -9.59 37.52 3.60
N PHE C 244 -10.69 36.88 3.99
CA PHE C 244 -10.74 35.45 4.36
C PHE C 244 -10.43 34.56 3.16
N ASP C 245 -9.57 33.56 3.37
CA ASP C 245 -9.17 32.64 2.30
C ASP C 245 -10.20 31.52 2.15
N ILE C 246 -11.01 31.67 1.11
CA ILE C 246 -12.10 30.74 0.81
C ILE C 246 -11.60 29.34 0.42
N SER C 247 -10.35 29.20 0.00
CA SER C 247 -9.82 27.83 -0.26
C SER C 247 -9.78 26.93 1.00
N GLN C 248 -9.85 27.53 2.18
CA GLN C 248 -10.00 26.78 3.44
C GLN C 248 -11.35 26.08 3.58
N CYS C 249 -12.38 26.54 2.86
CA CYS C 249 -13.69 25.88 2.83
C CYS C 249 -13.64 24.71 1.86
N PRO C 250 -13.98 23.49 2.32
CA PRO C 250 -14.07 22.39 1.35
C PRO C 250 -15.13 22.66 0.26
N LYS C 251 -14.72 22.49 -0.98
CA LYS C 251 -15.67 22.36 -2.10
C LYS C 251 -16.52 21.12 -1.87
N ILE C 252 -17.61 21.00 -2.61
CA ILE C 252 -18.42 19.76 -2.59
C ILE C 252 -17.52 18.55 -2.89
N GLY C 253 -17.52 17.58 -1.98
CA GLY C 253 -16.61 16.44 -2.10
C GLY C 253 -15.13 16.78 -2.10
N GLY C 254 -14.76 17.91 -1.49
CA GLY C 254 -13.39 18.44 -1.55
C GLY C 254 -12.71 18.38 -0.18
N HIS C 255 -11.73 19.24 0.02
CA HIS C 255 -11.00 19.27 1.28
C HIS C 255 -10.77 20.69 1.78
N GLY C 256 -10.66 20.81 3.11
CA GLY C 256 -10.39 22.08 3.74
C GLY C 256 -10.20 22.01 5.25
N SER C 257 -9.86 23.14 5.83
CA SER C 257 -9.47 23.26 7.23
C SER C 257 -10.46 24.11 8.05
N LYS C 258 -11.48 24.68 7.41
CA LYS C 258 -12.46 25.53 8.05
C LYS C 258 -13.85 25.04 7.74
N LYS C 259 -14.74 25.10 8.74
CA LYS C 259 -16.16 24.84 8.55
C LYS C 259 -16.83 26.08 7.99
N CYS C 260 -17.40 25.96 6.80
CA CYS C 260 -18.08 27.08 6.16
C CYS C 260 -19.52 26.71 5.85
N THR C 261 -20.37 27.74 5.96
CA THR C 261 -21.74 27.67 5.48
C THR C 261 -22.02 28.94 4.68
N GLY C 262 -23.23 29.07 4.15
CA GLY C 262 -23.49 30.20 3.26
C GLY C 262 -24.87 30.21 2.63
N ASP C 263 -25.03 31.08 1.64
CA ASP C 263 -26.30 31.22 0.91
C ASP C 263 -26.43 30.10 -0.14
N ALA C 264 -27.50 30.15 -0.93
CA ALA C 264 -27.76 29.06 -1.88
C ALA C 264 -26.67 28.91 -2.94
N ALA C 265 -26.14 30.03 -3.43
CA ALA C 265 -25.06 29.98 -4.45
C ALA C 265 -23.77 29.37 -3.91
N PHE C 266 -23.40 29.75 -2.68
CA PHE C 266 -22.21 29.18 -2.04
C PHE C 266 -22.37 27.67 -1.88
N CYS C 267 -23.51 27.25 -1.37
CA CYS C 267 -23.77 25.84 -1.12
C CYS C 267 -23.94 24.99 -2.39
N SER C 268 -24.15 25.64 -3.55
CA SER C 268 -24.15 24.93 -4.81
C SER C 268 -22.76 24.42 -5.20
N ALA C 269 -21.70 25.12 -4.77
CA ALA C 269 -20.32 24.76 -5.09
C ALA C 269 -19.52 24.23 -3.88
N TYR C 270 -19.90 24.62 -2.68
CA TYR C 270 -19.17 24.27 -1.44
C TYR C 270 -20.02 23.46 -0.49
N GLU C 271 -19.37 22.63 0.33
CA GLU C 271 -20.05 21.98 1.45
C GLU C 271 -20.59 23.09 2.34
N CYS C 272 -21.79 22.88 2.88
CA CYS C 272 -22.36 23.81 3.82
C CYS C 272 -22.61 23.13 5.15
N THR C 273 -21.80 23.52 6.14
CA THR C 273 -21.77 22.89 7.46
C THR C 273 -21.98 23.98 8.50
N ALA C 274 -23.22 24.17 8.91
CA ALA C 274 -23.59 25.29 9.75
C ALA C 274 -23.18 25.16 11.21
N GLN C 275 -23.20 23.94 11.76
CA GLN C 275 -22.90 23.79 13.19
C GLN C 275 -21.42 24.05 13.45
N TYR C 276 -21.12 24.99 14.36
CA TYR C 276 -19.74 25.40 14.68
C TYR C 276 -19.02 26.01 13.48
N ALA C 277 -19.75 26.63 12.56
CA ALA C 277 -19.13 27.20 11.38
C ALA C 277 -18.15 28.29 11.76
N ASN C 278 -16.98 28.28 11.11
CA ASN C 278 -15.98 29.33 11.20
C ASN C 278 -16.32 30.56 10.34
N ALA C 279 -17.02 30.34 9.22
CA ALA C 279 -17.29 31.38 8.23
C ALA C 279 -18.64 31.22 7.53
N TYR C 280 -19.19 32.36 7.11
CA TYR C 280 -20.42 32.42 6.32
C TYR C 280 -20.05 33.15 5.05
N CYS C 281 -20.38 32.55 3.91
CA CYS C 281 -20.06 33.15 2.62
C CYS C 281 -21.31 33.32 1.76
N SER C 282 -21.42 34.49 1.16
CA SER C 282 -22.56 34.84 0.29
C SER C 282 -22.07 35.38 -1.04
N HIS C 283 -22.94 35.25 -2.04
CA HIS C 283 -22.60 35.67 -3.42
C HIS C 283 -22.37 37.18 -3.43
N ALA C 284 -21.30 37.63 -4.09
CA ALA C 284 -21.03 39.06 -4.20
C ALA C 284 -21.83 39.67 -5.36
N ASN C 285 -22.75 40.59 -5.06
CA ASN C 285 -23.43 41.40 -6.09
C ASN C 285 -22.46 42.43 -6.66
N GLY C 286 -22.46 42.61 -7.98
CA GLY C 286 -21.63 43.61 -8.67
C GLY C 286 -20.35 43.04 -9.25
N ASP D 217 9.29 -38.63 4.82
CA ASP D 217 8.37 -39.58 5.56
C ASP D 217 7.35 -40.14 4.57
N SER D 218 6.41 -39.30 4.13
CA SER D 218 5.35 -39.72 3.23
C SER D 218 5.82 -39.95 1.80
N PHE D 219 6.88 -39.26 1.35
CA PHE D 219 7.32 -39.36 -0.04
C PHE D 219 8.81 -39.55 -0.19
N VAL D 220 9.17 -40.21 -1.29
CA VAL D 220 10.54 -40.42 -1.70
C VAL D 220 10.75 -39.53 -2.91
N CYS D 221 11.79 -38.70 -2.90
CA CYS D 221 12.04 -37.75 -4.00
C CYS D 221 13.35 -38.05 -4.73
N PHE D 222 13.29 -37.95 -6.05
CA PHE D 222 14.40 -38.22 -6.94
C PHE D 222 14.72 -36.87 -7.60
N GLU D 223 16.00 -36.50 -7.61
CA GLU D 223 16.42 -35.17 -8.02
C GLU D 223 17.12 -35.25 -9.35
N HIS D 224 16.74 -34.39 -10.29
CA HIS D 224 17.46 -34.30 -11.56
C HIS D 224 18.60 -33.32 -11.41
N LYS D 225 19.79 -33.72 -11.87
CA LYS D 225 20.93 -32.83 -12.03
C LYS D 225 21.42 -32.76 -13.48
N GLY D 226 22.10 -31.65 -13.79
CA GLY D 226 22.74 -31.46 -15.09
C GLY D 226 21.83 -30.73 -16.05
N PHE D 244 16.58 -34.76 -0.52
CA PHE D 244 15.95 -33.62 -1.21
C PHE D 244 14.86 -33.00 -0.35
N ASP D 245 14.86 -31.66 -0.27
CA ASP D 245 13.87 -30.96 0.55
C ASP D 245 12.56 -30.75 -0.20
N ILE D 246 11.59 -31.58 0.13
CA ILE D 246 10.26 -31.55 -0.49
C ILE D 246 9.49 -30.27 -0.17
N SER D 247 9.83 -29.56 0.90
CA SER D 247 9.14 -28.27 1.17
C SER D 247 9.41 -27.20 0.10
N GLN D 248 10.44 -27.39 -0.72
CA GLN D 248 10.69 -26.54 -1.91
C GLN D 248 9.64 -26.70 -3.02
N CYS D 249 8.92 -27.84 -3.02
CA CYS D 249 7.84 -28.10 -3.98
C CYS D 249 6.59 -27.38 -3.53
N PRO D 250 6.01 -26.53 -4.39
CA PRO D 250 4.72 -25.94 -4.02
C PRO D 250 3.63 -26.99 -3.78
N LYS D 251 2.96 -26.90 -2.65
CA LYS D 251 1.68 -27.58 -2.43
C LYS D 251 0.67 -27.04 -3.45
N ILE D 252 -0.45 -27.74 -3.61
CA ILE D 252 -1.54 -27.26 -4.44
C ILE D 252 -1.97 -25.85 -4.04
N GLY D 253 -1.93 -24.93 -5.00
CA GLY D 253 -2.22 -23.52 -4.73
C GLY D 253 -1.28 -22.89 -3.71
N GLY D 254 -0.05 -23.42 -3.58
CA GLY D 254 0.90 -22.97 -2.58
C GLY D 254 2.11 -22.33 -3.22
N HIS D 255 3.25 -22.37 -2.53
CA HIS D 255 4.45 -21.70 -3.02
C HIS D 255 5.69 -22.53 -2.85
N GLY D 256 6.67 -22.29 -3.72
CA GLY D 256 7.95 -23.00 -3.66
C GLY D 256 8.96 -22.50 -4.67
N SER D 257 10.15 -23.08 -4.61
CA SER D 257 11.30 -22.65 -5.38
C SER D 257 11.77 -23.71 -6.37
N LYS D 258 11.11 -24.87 -6.38
CA LYS D 258 11.53 -26.00 -7.22
C LYS D 258 10.35 -26.53 -7.98
N LYS D 259 10.59 -26.94 -9.23
CA LYS D 259 9.59 -27.59 -10.05
C LYS D 259 9.58 -29.08 -9.73
N CYS D 260 8.45 -29.55 -9.24
CA CYS D 260 8.31 -30.96 -8.88
C CYS D 260 7.14 -31.56 -9.62
N THR D 261 7.31 -32.84 -9.97
CA THR D 261 6.23 -33.70 -10.46
C THR D 261 6.30 -35.02 -9.69
N GLY D 262 5.40 -35.96 -10.00
CA GLY D 262 5.31 -37.17 -9.19
C GLY D 262 4.17 -38.11 -9.54
N ASP D 263 3.94 -39.10 -8.66
CA ASP D 263 2.86 -40.06 -8.84
C ASP D 263 1.51 -39.47 -8.41
N ALA D 264 0.46 -40.30 -8.43
CA ALA D 264 -0.90 -39.83 -8.16
C ALA D 264 -1.06 -39.26 -6.74
N ALA D 265 -0.45 -39.90 -5.74
CA ALA D 265 -0.55 -39.42 -4.36
C ALA D 265 0.18 -38.10 -4.16
N PHE D 266 1.36 -37.95 -4.75
CA PHE D 266 2.10 -36.68 -4.67
C PHE D 266 1.30 -35.55 -5.32
N CYS D 267 0.76 -35.80 -6.49
CA CYS D 267 -0.03 -34.79 -7.21
C CYS D 267 -1.38 -34.48 -6.59
N SER D 268 -1.85 -35.33 -5.67
CA SER D 268 -3.06 -35.02 -4.91
C SER D 268 -2.82 -33.91 -3.91
N ALA D 269 -1.59 -33.78 -3.41
CA ALA D 269 -1.23 -32.76 -2.40
C ALA D 269 -0.34 -31.63 -2.94
N TYR D 270 0.43 -31.92 -3.99
CA TYR D 270 1.39 -30.96 -4.57
C TYR D 270 1.07 -30.63 -6.02
N GLU D 271 1.45 -29.41 -6.44
CA GLU D 271 1.42 -29.07 -7.86
C GLU D 271 2.32 -30.05 -8.60
N CYS D 272 1.91 -30.46 -9.77
CA CYS D 272 2.71 -31.35 -10.61
C CYS D 272 3.04 -30.66 -11.92
N THR D 273 4.31 -30.30 -12.07
CA THR D 273 4.82 -29.54 -13.20
C THR D 273 5.97 -30.30 -13.82
N ALA D 274 5.67 -31.09 -14.84
CA ALA D 274 6.66 -32.01 -15.39
C ALA D 274 7.74 -31.35 -16.23
N GLN D 275 7.40 -30.29 -16.97
CA GLN D 275 8.37 -29.70 -17.89
C GLN D 275 9.46 -28.97 -17.09
N TYR D 276 10.72 -29.34 -17.35
CA TYR D 276 11.88 -28.80 -16.65
C TYR D 276 11.85 -29.12 -15.15
N ALA D 277 11.24 -30.23 -14.77
CA ALA D 277 11.13 -30.57 -13.35
C ALA D 277 12.53 -30.77 -12.76
N ASN D 278 12.72 -30.25 -11.55
CA ASN D 278 13.91 -30.49 -10.73
C ASN D 278 13.86 -31.84 -10.00
N ALA D 279 12.64 -32.31 -9.68
CA ALA D 279 12.45 -33.52 -8.85
C ALA D 279 11.18 -34.30 -9.20
N TYR D 280 11.25 -35.61 -8.97
CA TYR D 280 10.11 -36.52 -9.10
C TYR D 280 9.91 -37.13 -7.73
N CYS D 281 8.70 -37.07 -7.20
CA CYS D 281 8.41 -37.65 -5.88
C CYS D 281 7.28 -38.68 -5.95
N SER D 282 7.49 -39.81 -5.28
CA SER D 282 6.50 -40.90 -5.21
C SER D 282 6.24 -41.34 -3.79
N HIS D 283 5.07 -41.94 -3.58
CA HIS D 283 4.61 -42.33 -2.26
C HIS D 283 5.55 -43.42 -1.71
N ALA D 284 6.01 -43.24 -0.46
CA ALA D 284 6.93 -44.22 0.17
C ALA D 284 6.21 -45.52 0.52
N THR E 1 12.34 -22.21 -27.62
CA THR E 1 12.32 -21.08 -26.65
C THR E 1 10.87 -20.74 -26.23
N GLY E 2 10.67 -20.43 -24.96
CA GLY E 2 9.34 -20.09 -24.47
C GLY E 2 9.02 -18.63 -24.69
N SER E 3 7.77 -18.31 -25.00
CA SER E 3 7.30 -16.92 -25.02
C SER E 3 5.80 -16.80 -24.83
N LEU E 4 5.40 -15.58 -24.43
CA LEU E 4 4.02 -15.23 -24.14
C LEU E 4 3.63 -14.03 -24.98
N GLU E 5 2.35 -13.97 -25.36
CA GLU E 5 1.81 -12.83 -26.10
C GLU E 5 0.37 -12.56 -25.69
N GLU E 6 0.14 -11.35 -25.18
CA GLU E 6 -1.18 -10.93 -24.76
C GLU E 6 -1.88 -10.33 -25.94
N SER E 7 -3.18 -10.56 -26.02
CA SER E 7 -4.03 -9.88 -26.99
C SER E 7 -5.39 -9.56 -26.38
N GLY E 8 -6.12 -8.70 -27.09
CA GLY E 8 -7.50 -8.38 -26.74
C GLY E 8 -7.71 -7.01 -26.14
N GLY E 9 -6.62 -6.28 -25.85
CA GLY E 9 -6.74 -4.93 -25.36
C GLY E 9 -7.41 -4.02 -26.40
N ARG E 10 -8.38 -3.21 -25.97
CA ARG E 10 -9.07 -2.24 -26.84
C ARG E 10 -9.82 -1.22 -26.01
N LEU E 11 -10.37 -0.21 -26.67
CA LEU E 11 -11.21 0.80 -26.02
C LEU E 11 -12.65 0.30 -25.89
N VAL E 12 -13.16 0.28 -24.67
CA VAL E 12 -14.58 -0.02 -24.42
C VAL E 12 -15.24 1.03 -23.53
N THR E 13 -16.57 1.09 -23.54
CA THR E 13 -17.31 1.92 -22.61
C THR E 13 -17.45 1.19 -21.26
N PRO E 14 -17.58 1.95 -20.15
CA PRO E 14 -17.77 1.32 -18.84
C PRO E 14 -18.91 0.31 -18.83
N GLY E 15 -18.67 -0.84 -18.21
CA GLY E 15 -19.66 -1.90 -18.15
C GLY E 15 -19.67 -2.90 -19.31
N THR E 16 -18.95 -2.59 -20.38
CA THR E 16 -18.82 -3.53 -21.50
C THR E 16 -17.83 -4.64 -21.14
N PRO E 17 -18.28 -5.89 -21.02
CA PRO E 17 -17.32 -6.96 -20.63
C PRO E 17 -16.22 -7.13 -21.67
N LEU E 18 -15.06 -7.52 -21.19
CA LEU E 18 -13.87 -7.60 -22.00
C LEU E 18 -13.05 -8.87 -21.60
N THR E 19 -12.64 -9.66 -22.59
CA THR E 19 -11.76 -10.82 -22.38
C THR E 19 -10.39 -10.61 -23.01
N LEU E 20 -9.35 -10.80 -22.23
CA LEU E 20 -7.98 -10.73 -22.70
C LEU E 20 -7.38 -12.12 -22.75
N THR E 21 -6.46 -12.32 -23.69
CA THR E 21 -5.91 -13.64 -23.95
C THR E 21 -4.41 -13.59 -23.93
N CYS E 22 -3.82 -14.55 -23.21
CA CYS E 22 -2.40 -14.77 -23.20
C CYS E 22 -2.09 -16.05 -23.97
N THR E 23 -1.49 -15.94 -25.15
CA THR E 23 -1.12 -17.11 -25.94
C THR E 23 0.28 -17.56 -25.55
N VAL E 24 0.39 -18.81 -25.12
CA VAL E 24 1.64 -19.40 -24.68
C VAL E 24 2.31 -20.20 -25.82
N SER E 25 3.62 -20.04 -25.99
CA SER E 25 4.39 -20.81 -26.96
C SER E 25 5.63 -21.42 -26.30
N GLY E 26 5.91 -22.67 -26.64
CA GLY E 26 7.11 -23.34 -26.17
C GLY E 26 7.09 -23.80 -24.72
N ILE E 27 5.97 -23.70 -24.01
CA ILE E 27 5.92 -24.22 -22.63
C ILE E 27 4.64 -25.05 -22.49
N ASP E 28 4.81 -26.20 -21.83
CA ASP E 28 3.87 -27.30 -21.85
C ASP E 28 2.59 -26.88 -21.07
N PRO E 29 1.42 -27.44 -21.47
CA PRO E 29 0.08 -27.13 -20.96
C PRO E 29 -0.15 -26.95 -19.47
N ASN E 30 0.40 -27.84 -18.65
CA ASN E 30 0.13 -27.80 -17.20
C ASN E 30 1.43 -27.82 -16.40
N SER E 31 2.42 -27.02 -16.80
CA SER E 31 3.72 -27.06 -16.14
C SER E 31 4.19 -25.71 -15.56
N ASP E 32 3.28 -24.76 -15.44
CA ASP E 32 3.54 -23.45 -14.80
C ASP E 32 2.25 -22.82 -14.24
N HIS E 33 2.42 -21.78 -13.42
CA HIS E 33 1.35 -21.06 -12.76
C HIS E 33 1.34 -19.64 -13.34
N MET E 34 0.30 -19.34 -14.09
CA MET E 34 0.26 -18.15 -14.92
C MET E 34 -0.52 -17.04 -14.24
N SER E 35 0.07 -15.84 -14.20
CA SER E 35 -0.57 -14.68 -13.58
C SER E 35 -0.88 -13.63 -14.63
N TRP E 36 -1.88 -12.82 -14.30
CA TRP E 36 -2.10 -11.55 -14.94
C TRP E 36 -1.72 -10.45 -13.97
N VAL E 37 -1.07 -9.43 -14.53
CA VAL E 37 -0.55 -8.27 -13.83
C VAL E 37 -0.95 -7.04 -14.65
N ARG E 38 -1.28 -5.92 -14.01
CA ARG E 38 -1.53 -4.68 -14.78
C ARG E 38 -0.73 -3.48 -14.27
N GLN E 39 -0.61 -2.50 -15.15
CA GLN E 39 0.10 -1.30 -14.85
C GLN E 39 -0.63 -0.12 -15.52
N ALA E 40 -1.24 0.72 -14.71
CA ALA E 40 -1.93 1.91 -15.19
C ALA E 40 -0.86 2.92 -15.59
N PRO E 41 -1.19 3.84 -16.53
CA PRO E 41 -0.16 4.81 -16.98
C PRO E 41 0.48 5.58 -15.82
N GLY E 42 1.80 5.59 -15.80
CA GLY E 42 2.58 6.19 -14.72
C GLY E 42 2.54 5.53 -13.34
N LYS E 43 1.93 4.35 -13.22
CA LYS E 43 1.79 3.67 -11.90
C LYS E 43 2.59 2.37 -11.81
N GLY E 44 2.57 1.73 -10.64
CA GLY E 44 3.33 0.50 -10.40
C GLY E 44 2.66 -0.73 -10.96
N LEU E 45 3.31 -1.89 -10.81
CA LEU E 45 2.76 -3.16 -11.23
C LEU E 45 1.80 -3.63 -10.13
N GLU E 46 0.61 -4.09 -10.52
CA GLU E 46 -0.40 -4.63 -9.61
C GLU E 46 -0.74 -6.07 -10.05
N TRP E 47 -0.57 -7.03 -9.14
CA TRP E 47 -0.92 -8.40 -9.41
C TRP E 47 -2.44 -8.52 -9.32
N ILE E 48 -3.04 -9.23 -10.28
CA ILE E 48 -4.49 -9.37 -10.35
C ILE E 48 -4.98 -10.76 -9.98
N ALA E 49 -4.40 -11.77 -10.63
CA ALA E 49 -4.88 -13.16 -10.52
C ALA E 49 -3.85 -14.15 -10.97
N ILE E 50 -4.01 -15.40 -10.50
CA ILE E 50 -3.15 -16.51 -10.89
C ILE E 50 -4.02 -17.72 -11.15
N ILE E 51 -3.61 -18.51 -12.14
CA ILE E 51 -4.12 -19.89 -12.33
C ILE E 51 -2.94 -20.87 -12.29
N TYR E 52 -2.91 -21.73 -11.28
CA TYR E 52 -1.89 -22.77 -11.14
C TYR E 52 -2.07 -23.87 -12.19
N ALA E 53 -1.04 -24.70 -12.33
CA ALA E 53 -1.08 -25.90 -13.16
C ALA E 53 -2.23 -26.82 -12.80
N SER E 54 -2.51 -26.96 -11.50
CA SER E 54 -3.62 -27.72 -11.00
C SER E 54 -4.99 -27.19 -11.36
N GLY E 55 -5.08 -25.92 -11.77
CA GLY E 55 -6.35 -25.30 -12.08
C GLY E 55 -6.85 -24.41 -10.97
N THR E 56 -6.24 -24.45 -9.79
CA THR E 56 -6.68 -23.59 -8.72
C THR E 56 -6.31 -22.13 -9.05
N THR E 57 -7.18 -21.23 -8.61
CA THR E 57 -7.12 -19.79 -8.92
C THR E 57 -7.16 -18.96 -7.63
N TYR E 58 -6.45 -17.84 -7.65
CA TYR E 58 -6.57 -16.80 -6.65
C TYR E 58 -6.65 -15.45 -7.33
N TYR E 59 -7.20 -14.48 -6.60
CA TYR E 59 -7.39 -13.12 -7.10
C TYR E 59 -6.94 -12.15 -6.02
N ALA E 60 -6.52 -10.97 -6.44
CA ALA E 60 -6.22 -9.91 -5.47
C ALA E 60 -7.56 -9.55 -4.78
N SER E 61 -7.48 -9.11 -3.52
CA SER E 61 -8.70 -8.83 -2.72
C SER E 61 -9.63 -7.81 -3.41
N TRP E 62 -9.04 -6.81 -4.03
CA TRP E 62 -9.81 -5.87 -4.87
C TRP E 62 -10.38 -6.46 -6.17
N ALA E 63 -9.74 -7.52 -6.68
CA ALA E 63 -10.12 -8.13 -7.96
C ALA E 63 -11.21 -9.17 -7.83
N LYS E 64 -11.41 -9.71 -6.62
CA LYS E 64 -12.42 -10.73 -6.39
C LYS E 64 -13.81 -10.24 -6.81
N GLY E 65 -14.51 -11.05 -7.61
CA GLY E 65 -15.84 -10.69 -8.07
C GLY E 65 -15.87 -9.91 -9.39
N ARG E 66 -14.75 -9.30 -9.77
CA ARG E 66 -14.66 -8.40 -10.94
C ARG E 66 -13.93 -9.00 -12.14
N PHE E 67 -13.19 -10.09 -11.92
CA PHE E 67 -12.32 -10.69 -12.91
C PHE E 67 -12.48 -12.20 -12.87
N THR E 68 -12.35 -12.87 -14.01
CA THR E 68 -12.31 -14.35 -14.04
C THR E 68 -11.08 -14.76 -14.80
N ILE E 69 -10.30 -15.65 -14.20
CA ILE E 69 -9.11 -16.20 -14.85
C ILE E 69 -9.41 -17.65 -15.23
N SER E 70 -9.03 -18.03 -16.46
CA SER E 70 -9.30 -19.38 -16.99
C SER E 70 -8.19 -19.78 -17.96
N LYS E 71 -8.17 -21.05 -18.36
CA LYS E 71 -7.12 -21.53 -19.22
C LYS E 71 -7.55 -22.63 -20.18
N THR E 72 -6.80 -22.76 -21.26
CA THR E 72 -6.88 -23.91 -22.19
C THR E 72 -5.47 -24.51 -22.27
N SER E 73 -5.26 -25.46 -23.17
CA SER E 73 -3.93 -26.04 -23.40
C SER E 73 -2.87 -25.04 -23.88
N THR E 74 -3.29 -23.98 -24.60
CA THR E 74 -2.36 -23.00 -25.16
C THR E 74 -2.64 -21.53 -24.76
N THR E 75 -3.64 -21.26 -23.94
CA THR E 75 -3.94 -19.88 -23.56
C THR E 75 -4.33 -19.77 -22.11
N VAL E 76 -4.25 -18.54 -21.60
CA VAL E 76 -4.74 -18.16 -20.29
C VAL E 76 -5.57 -16.91 -20.55
N ASP E 77 -6.81 -16.92 -20.09
CA ASP E 77 -7.72 -15.83 -20.34
C ASP E 77 -8.10 -15.06 -19.10
N LEU E 78 -8.32 -13.76 -19.27
CA LEU E 78 -8.79 -12.91 -18.19
C LEU E 78 -10.02 -12.17 -18.64
N ARG E 79 -11.15 -12.46 -18.02
CA ARG E 79 -12.39 -11.74 -18.31
C ARG E 79 -12.58 -10.61 -17.28
N ILE E 80 -12.83 -9.40 -17.77
CA ILE E 80 -13.13 -8.24 -16.94
C ILE E 80 -14.64 -8.03 -17.07
N ALA E 81 -15.38 -8.40 -16.02
CA ALA E 81 -16.85 -8.50 -16.08
C ALA E 81 -17.59 -7.18 -16.35
N SER E 82 -17.19 -6.14 -15.63
CA SER E 82 -17.85 -4.82 -15.69
C SER E 82 -16.83 -3.70 -15.55
N PRO E 83 -16.06 -3.42 -16.62
CA PRO E 83 -14.95 -2.51 -16.48
C PRO E 83 -15.35 -1.08 -16.12
N THR E 84 -14.45 -0.40 -15.41
CA THR E 84 -14.59 1.01 -15.05
C THR E 84 -13.38 1.75 -15.60
N THR E 85 -13.44 3.08 -15.60
CA THR E 85 -12.30 3.92 -16.01
C THR E 85 -11.02 3.59 -15.23
N GLU E 86 -11.18 3.14 -13.99
CA GLU E 86 -10.06 2.77 -13.14
C GLU E 86 -9.32 1.52 -13.64
N ASP E 87 -9.92 0.73 -14.54
CA ASP E 87 -9.30 -0.46 -15.11
C ASP E 87 -8.42 -0.18 -16.35
N THR E 88 -8.35 1.07 -16.78
CA THR E 88 -7.46 1.47 -17.88
C THR E 88 -6.00 1.19 -17.53
N ALA E 89 -5.34 0.36 -18.35
CA ALA E 89 -3.98 -0.10 -18.04
C ALA E 89 -3.38 -0.99 -19.13
N THR E 90 -2.07 -1.22 -19.04
CA THR E 90 -1.46 -2.32 -19.78
C THR E 90 -1.57 -3.58 -18.93
N TYR E 91 -2.04 -4.66 -19.54
CA TYR E 91 -2.23 -5.96 -18.88
C TYR E 91 -1.19 -6.95 -19.44
N PHE E 92 -0.44 -7.55 -18.52
CA PHE E 92 0.62 -8.49 -18.83
C PHE E 92 0.28 -9.87 -18.29
N CYS E 93 0.75 -10.91 -18.96
CA CYS E 93 0.77 -12.25 -18.38
C CYS E 93 2.18 -12.67 -18.11
N ALA E 94 2.33 -13.52 -17.11
CA ALA E 94 3.65 -13.88 -16.62
C ALA E 94 3.66 -15.27 -16.03
N THR E 95 4.78 -15.97 -16.15
CA THR E 95 4.97 -17.27 -15.48
C THR E 95 5.29 -17.10 -13.98
N TYR E 96 5.34 -18.22 -13.26
CA TYR E 96 5.46 -18.22 -11.80
C TYR E 96 6.83 -17.66 -11.37
N PRO E 97 6.83 -16.64 -10.50
CA PRO E 97 8.09 -15.91 -10.28
C PRO E 97 9.17 -16.57 -9.43
N ASN E 98 8.85 -17.65 -8.73
CA ASN E 98 9.78 -18.33 -7.79
C ASN E 98 10.48 -19.56 -8.37
N TYR E 99 10.07 -20.03 -9.55
CA TYR E 99 10.79 -21.14 -10.21
C TYR E 99 12.14 -20.71 -10.81
N PRO E 100 13.09 -21.65 -10.92
CA PRO E 100 14.40 -21.35 -11.48
C PRO E 100 14.45 -21.25 -13.01
N THR E 101 13.41 -21.71 -13.69
CA THR E 101 13.31 -21.51 -15.14
C THR E 101 13.13 -20.01 -15.43
N ASP E 102 13.34 -19.61 -16.68
CA ASP E 102 13.19 -18.19 -17.04
C ASP E 102 11.79 -17.69 -16.72
N ASN E 103 11.70 -16.56 -16.04
CA ASN E 103 10.43 -15.93 -15.76
C ASN E 103 9.99 -15.15 -17.01
N LEU E 104 9.01 -15.66 -17.73
CA LEU E 104 8.59 -15.04 -18.97
C LEU E 104 7.45 -14.06 -18.77
N TRP E 105 7.50 -12.94 -19.49
CA TRP E 105 6.44 -11.95 -19.50
C TRP E 105 6.14 -11.63 -20.97
N GLY E 106 4.88 -11.37 -21.31
CA GLY E 106 4.60 -10.83 -22.64
C GLY E 106 4.86 -9.34 -22.70
N GLN E 107 4.67 -8.75 -23.88
CA GLN E 107 4.88 -7.31 -24.04
C GLN E 107 3.72 -6.46 -23.50
N GLY E 108 2.58 -7.12 -23.24
CA GLY E 108 1.42 -6.49 -22.65
C GLY E 108 0.38 -6.10 -23.68
N THR E 109 -0.86 -6.01 -23.25
CA THR E 109 -1.95 -5.53 -24.10
C THR E 109 -2.65 -4.37 -23.37
N LEU E 110 -2.97 -3.32 -24.12
CA LEU E 110 -3.46 -2.07 -23.58
C LEU E 110 -4.99 -2.01 -23.56
N VAL E 111 -5.59 -1.93 -22.37
CA VAL E 111 -7.03 -1.78 -22.18
C VAL E 111 -7.38 -0.30 -21.84
N THR E 112 -8.35 0.25 -22.55
CA THR E 112 -8.85 1.61 -22.24
C THR E 112 -10.36 1.59 -21.99
N VAL E 113 -10.77 2.11 -20.84
CA VAL E 113 -12.19 2.19 -20.53
C VAL E 113 -12.57 3.66 -20.41
N SER E 114 -13.49 4.08 -21.28
CA SER E 114 -13.90 5.49 -21.38
C SER E 114 -15.26 5.64 -22.08
N GLY E 115 -16.00 6.68 -21.67
CA GLY E 115 -17.22 7.10 -22.37
C GLY E 115 -16.95 7.69 -23.74
N THR E 116 -15.75 8.24 -23.97
CA THR E 116 -15.39 8.87 -25.24
C THR E 116 -15.20 7.84 -26.36
N GLN E 117 -15.73 8.15 -27.54
CA GLN E 117 -15.56 7.29 -28.71
C GLN E 117 -14.12 7.33 -29.25
N PRO E 118 -13.71 6.27 -29.97
CA PRO E 118 -12.35 6.31 -30.54
C PRO E 118 -12.19 7.49 -31.50
N LYS E 119 -11.02 8.11 -31.47
CA LYS E 119 -10.71 9.28 -32.29
C LYS E 119 -9.33 9.15 -32.94
N ALA E 120 -9.28 9.32 -34.25
CA ALA E 120 -8.02 9.39 -34.98
C ALA E 120 -7.27 10.68 -34.63
N PRO E 121 -5.92 10.64 -34.67
CA PRO E 121 -5.14 11.84 -34.36
C PRO E 121 -5.11 12.79 -35.55
N SER E 122 -4.97 14.09 -35.26
CA SER E 122 -4.57 15.07 -36.26
C SER E 122 -3.04 15.22 -36.19
N VAL E 123 -2.40 15.30 -37.36
CA VAL E 123 -0.94 15.36 -37.46
C VAL E 123 -0.56 16.73 -38.06
N PHE E 124 0.31 17.46 -37.35
CA PHE E 124 0.80 18.79 -37.77
C PHE E 124 2.33 18.83 -37.82
N PRO E 125 2.90 19.50 -38.86
CA PRO E 125 4.37 19.61 -38.93
C PRO E 125 4.94 20.56 -37.87
N LEU E 126 6.16 20.27 -37.45
CA LEU E 126 6.96 21.10 -36.58
C LEU E 126 8.21 21.50 -37.38
N ALA E 127 8.35 22.79 -37.64
CA ALA E 127 9.48 23.36 -38.38
C ALA E 127 9.94 24.61 -37.64
N PRO E 128 11.24 24.94 -37.68
CA PRO E 128 11.68 26.19 -37.04
C PRO E 128 11.08 27.40 -37.76
N CYS E 129 11.10 28.57 -37.12
CA CYS E 129 10.46 29.78 -37.65
C CYS E 129 10.95 30.10 -39.08
N CYS E 130 10.02 30.47 -39.93
CA CYS E 130 10.08 30.34 -41.40
C CYS E 130 11.23 30.96 -42.18
N GLY E 131 11.90 31.96 -41.63
CA GLY E 131 12.91 32.72 -42.38
C GLY E 131 14.35 32.55 -41.92
N ASP E 132 15.26 32.52 -42.90
CA ASP E 132 16.67 32.89 -42.73
C ASP E 132 17.60 31.81 -42.13
N THR E 133 18.90 31.99 -42.35
CA THR E 133 19.96 31.06 -41.94
C THR E 133 19.60 29.61 -42.32
N PRO E 134 19.60 29.33 -43.64
CA PRO E 134 19.44 27.93 -44.06
C PRO E 134 20.55 27.12 -43.39
N SER E 135 20.19 26.34 -42.38
CA SER E 135 21.17 25.76 -41.48
C SER E 135 21.82 24.51 -42.06
N SER E 136 23.08 24.28 -41.69
CA SER E 136 23.81 23.04 -42.03
C SER E 136 23.11 21.77 -41.47
N THR E 137 22.51 21.91 -40.29
CA THR E 137 21.70 20.89 -39.67
C THR E 137 20.35 21.49 -39.20
N VAL E 138 19.29 20.71 -39.31
CA VAL E 138 17.96 21.17 -38.89
C VAL E 138 17.14 20.08 -38.18
N THR E 139 16.28 20.53 -37.26
CA THR E 139 15.39 19.63 -36.54
C THR E 139 13.93 19.88 -36.93
N LEU E 140 13.30 18.82 -37.39
CA LEU E 140 11.94 18.82 -37.88
C LEU E 140 11.15 17.75 -37.12
N GLY E 141 9.83 17.87 -37.13
CA GLY E 141 9.02 16.96 -36.37
C GLY E 141 7.59 16.86 -36.80
N CYS E 142 6.84 16.06 -36.04
CA CYS E 142 5.41 15.89 -36.23
C CYS E 142 4.72 15.91 -34.87
N LEU E 143 3.67 16.73 -34.75
CA LEU E 143 2.80 16.74 -33.58
C LEU E 143 1.60 15.86 -33.88
N VAL E 144 1.40 14.83 -33.07
CA VAL E 144 0.33 13.86 -33.25
C VAL E 144 -0.66 14.13 -32.12
N LYS E 145 -1.80 14.75 -32.44
CA LYS E 145 -2.70 15.30 -31.40
C LYS E 145 -4.14 14.80 -31.45
N GLY E 146 -4.70 14.57 -30.26
CA GLY E 146 -6.13 14.30 -30.07
C GLY E 146 -6.60 12.89 -30.41
N TYR E 147 -5.89 11.86 -29.92
CA TYR E 147 -6.25 10.47 -30.25
C TYR E 147 -6.69 9.66 -29.04
N LEU E 148 -7.51 8.64 -29.31
CA LEU E 148 -7.91 7.65 -28.31
C LEU E 148 -8.32 6.35 -29.01
N PRO E 149 -7.92 5.17 -28.49
CA PRO E 149 -6.97 4.95 -27.41
C PRO E 149 -5.53 5.03 -27.91
N GLU E 150 -4.59 4.93 -26.96
CA GLU E 150 -3.22 4.55 -27.27
C GLU E 150 -3.23 3.15 -27.85
N PRO E 151 -2.21 2.74 -28.61
CA PRO E 151 -1.06 3.55 -29.00
C PRO E 151 -1.23 4.11 -30.41
N VAL E 152 -0.31 4.99 -30.78
CA VAL E 152 0.02 5.24 -32.18
C VAL E 152 1.45 4.78 -32.41
N THR E 153 1.79 4.55 -33.67
CA THR E 153 3.15 4.28 -34.06
C THR E 153 3.57 5.43 -34.96
N VAL E 154 4.83 5.84 -34.80
CA VAL E 154 5.45 6.86 -35.63
C VAL E 154 6.75 6.33 -36.18
N THR E 155 6.91 6.40 -37.51
CA THR E 155 8.19 6.13 -38.14
C THR E 155 8.50 7.29 -39.07
N TRP E 156 9.76 7.37 -39.49
CA TRP E 156 10.23 8.41 -40.40
C TRP E 156 10.73 7.77 -41.67
N ASN E 157 10.27 8.28 -42.82
CA ASN E 157 10.63 7.75 -44.13
C ASN E 157 10.48 6.22 -44.22
N SER E 158 9.31 5.73 -43.77
CA SER E 158 8.95 4.29 -43.80
C SER E 158 9.92 3.39 -43.02
N GLY E 159 10.51 3.95 -41.96
CA GLY E 159 11.49 3.22 -41.15
C GLY E 159 12.94 3.34 -41.60
N THR E 160 13.20 3.89 -42.79
CA THR E 160 14.59 4.04 -43.26
C THR E 160 15.36 5.13 -42.50
N LEU E 161 14.65 6.13 -41.97
CA LEU E 161 15.30 7.20 -41.20
C LEU E 161 15.19 6.87 -39.70
N THR E 162 16.32 6.52 -39.10
CA THR E 162 16.38 6.17 -37.66
C THR E 162 17.38 6.99 -36.83
N ASN E 163 18.49 7.41 -37.44
CA ASN E 163 19.45 8.32 -36.79
C ASN E 163 18.82 9.62 -36.33
N GLY E 164 19.02 9.94 -35.05
CA GLY E 164 18.62 11.23 -34.50
C GLY E 164 17.14 11.44 -34.36
N VAL E 165 16.39 10.36 -34.18
CA VAL E 165 14.94 10.42 -33.95
C VAL E 165 14.67 10.42 -32.46
N ARG E 166 13.75 11.26 -32.02
CA ARG E 166 13.30 11.30 -30.63
C ARG E 166 11.80 11.47 -30.58
N THR E 167 11.12 10.49 -29.99
CA THR E 167 9.67 10.49 -29.85
C THR E 167 9.40 10.54 -28.35
N PHE E 168 8.60 11.52 -27.95
CA PHE E 168 8.35 11.80 -26.54
C PHE E 168 7.20 10.92 -26.04
N PRO E 169 7.20 10.56 -24.73
CA PRO E 169 6.02 9.83 -24.25
C PRO E 169 4.74 10.65 -24.49
N SER E 170 3.64 9.95 -24.72
CA SER E 170 2.34 10.58 -24.85
C SER E 170 1.94 11.26 -23.55
N VAL E 171 1.14 12.31 -23.67
CA VAL E 171 0.51 12.95 -22.52
C VAL E 171 -1.02 12.94 -22.71
N ARG E 172 -1.73 12.59 -21.64
CA ARG E 172 -3.18 12.60 -21.65
C ARG E 172 -3.67 14.01 -21.30
N GLN E 173 -4.51 14.58 -22.16
CA GLN E 173 -5.05 15.93 -21.97
C GLN E 173 -6.23 15.85 -20.99
N SER E 174 -6.72 17.01 -20.56
CA SER E 174 -7.90 17.08 -19.68
C SER E 174 -9.15 16.49 -20.33
N SER E 175 -9.25 16.62 -21.65
CA SER E 175 -10.35 15.99 -22.41
C SER E 175 -10.43 14.45 -22.31
N GLY E 176 -9.29 13.78 -22.07
CA GLY E 176 -9.22 12.33 -22.08
C GLY E 176 -8.53 11.79 -23.32
N LEU E 177 -8.21 12.68 -24.25
CA LEU E 177 -7.45 12.36 -25.46
C LEU E 177 -5.96 12.49 -25.21
N TYR E 178 -5.18 11.82 -26.05
CA TYR E 178 -3.73 11.77 -25.95
C TYR E 178 -3.05 12.60 -27.04
N SER E 179 -1.87 13.12 -26.73
CA SER E 179 -0.98 13.79 -27.70
C SER E 179 0.47 13.41 -27.50
N LEU E 180 1.22 13.33 -28.59
CA LEU E 180 2.68 13.21 -28.51
C LEU E 180 3.34 13.94 -29.68
N SER E 181 4.66 14.12 -29.57
CA SER E 181 5.48 14.65 -30.68
C SER E 181 6.64 13.72 -30.96
N SER E 182 7.04 13.71 -32.22
CA SER E 182 8.32 13.14 -32.64
C SER E 182 9.13 14.17 -33.41
N VAL E 183 10.42 14.19 -33.17
CA VAL E 183 11.34 15.08 -33.91
C VAL E 183 12.50 14.26 -34.43
N VAL E 184 13.08 14.78 -35.51
CA VAL E 184 14.25 14.18 -36.12
C VAL E 184 15.23 15.25 -36.55
N SER E 185 16.51 14.99 -36.35
CA SER E 185 17.57 15.93 -36.64
C SER E 185 18.25 15.46 -37.92
N VAL E 186 18.24 16.29 -38.95
CA VAL E 186 18.85 15.92 -40.26
C VAL E 186 19.72 17.04 -40.78
N THR E 187 20.54 16.72 -41.78
CA THR E 187 21.41 17.71 -42.47
C THR E 187 20.70 18.32 -43.67
N SER E 188 21.27 19.38 -44.23
CA SER E 188 20.66 20.10 -45.37
C SER E 188 20.45 19.25 -46.62
N SER E 189 21.29 18.24 -46.83
CA SER E 189 21.16 17.33 -47.97
C SER E 189 19.98 16.37 -47.86
N SER E 190 19.44 16.18 -46.65
CA SER E 190 18.17 15.52 -46.46
C SER E 190 17.05 16.19 -47.26
N GLN E 191 16.38 15.41 -48.09
CA GLN E 191 15.11 15.79 -48.69
C GLN E 191 14.08 15.92 -47.57
N PRO E 192 12.99 16.67 -47.82
CA PRO E 192 11.99 16.80 -46.76
C PRO E 192 11.66 15.41 -46.15
N VAL E 193 11.57 15.36 -44.84
CA VAL E 193 11.36 14.09 -44.15
C VAL E 193 9.87 13.84 -43.99
N THR E 194 9.45 12.58 -44.01
CA THR E 194 8.04 12.25 -43.89
C THR E 194 7.80 11.40 -42.64
N CYS E 195 6.90 11.84 -41.77
CA CYS E 195 6.49 11.03 -40.60
C CYS E 195 5.28 10.18 -40.99
N ASN E 196 5.36 8.89 -40.69
CA ASN E 196 4.29 7.96 -40.99
C ASN E 196 3.59 7.67 -39.65
N VAL E 197 2.41 8.25 -39.47
CA VAL E 197 1.63 8.09 -38.25
C VAL E 197 0.50 7.09 -38.48
N ALA E 198 0.45 6.04 -37.65
CA ALA E 198 -0.58 5.01 -37.70
C ALA E 198 -1.35 4.90 -36.36
N HIS E 199 -2.67 4.76 -36.45
CA HIS E 199 -3.54 4.56 -35.29
C HIS E 199 -4.37 3.31 -35.52
N PRO E 200 -3.86 2.13 -35.07
CA PRO E 200 -4.51 0.81 -35.23
C PRO E 200 -5.99 0.77 -34.86
N ALA E 201 -6.38 1.46 -33.81
CA ALA E 201 -7.76 1.43 -33.32
C ALA E 201 -8.78 1.95 -34.33
N THR E 202 -8.42 2.94 -35.13
CA THR E 202 -9.30 3.50 -36.16
C THR E 202 -8.86 3.07 -37.57
N ASN E 203 -7.90 2.15 -37.65
CA ASN E 203 -7.24 1.74 -38.89
C ASN E 203 -6.92 2.93 -39.80
N THR E 204 -6.20 3.90 -39.26
CA THR E 204 -5.79 5.11 -39.98
C THR E 204 -4.28 5.18 -40.07
N LYS E 205 -3.80 5.63 -41.23
CA LYS E 205 -2.39 5.87 -41.51
C LYS E 205 -2.30 7.23 -42.18
N VAL E 206 -1.45 8.10 -41.66
CA VAL E 206 -1.25 9.44 -42.19
C VAL E 206 0.24 9.68 -42.43
N ASP E 207 0.58 10.13 -43.65
CA ASP E 207 1.95 10.54 -43.96
C ASP E 207 1.97 12.07 -44.03
N LYS E 208 2.82 12.73 -43.24
CA LYS E 208 3.01 14.19 -43.32
C LYS E 208 4.46 14.49 -43.62
N THR E 209 4.71 15.22 -44.72
CA THR E 209 6.05 15.58 -45.16
C THR E 209 6.39 16.95 -44.58
N VAL E 210 7.62 17.08 -44.06
CA VAL E 210 8.03 18.25 -43.30
C VAL E 210 9.34 18.79 -43.88
N ALA E 211 9.38 20.08 -44.13
CA ALA E 211 10.57 20.78 -44.67
C ALA E 211 10.79 22.11 -43.92
N PRO E 212 12.06 22.58 -43.82
CA PRO E 212 12.33 23.88 -43.16
C PRO E 212 11.50 25.02 -43.78
N SER E 213 11.04 25.95 -42.94
CA SER E 213 10.13 27.02 -43.39
C SER E 213 8.74 26.42 -43.69
N GLY F 2 0.77 -4.91 2.25
CA GLY F 2 1.76 -3.87 2.65
C GLY F 2 3.19 -4.25 2.30
N MET F 3 3.62 -3.93 1.08
CA MET F 3 5.04 -4.06 0.70
C MET F 3 5.60 -2.70 0.35
N THR F 4 6.50 -2.20 1.19
CA THR F 4 7.00 -0.83 1.06
C THR F 4 8.47 -0.83 0.65
N GLN F 5 8.79 -0.11 -0.42
CA GLN F 5 10.15 0.03 -0.90
C GLN F 5 10.68 1.41 -0.59
N THR F 6 11.99 1.56 -0.70
CA THR F 6 12.68 2.84 -0.68
C THR F 6 11.96 3.86 -1.59
N PRO F 7 11.58 5.05 -1.08
CA PRO F 7 10.97 6.11 -1.92
C PRO F 7 11.85 6.56 -3.08
N SER F 8 11.23 6.92 -4.19
CA SER F 8 11.94 7.41 -5.38
C SER F 8 12.18 8.92 -5.30
N PRO F 9 13.25 9.42 -5.94
CA PRO F 9 14.26 8.68 -6.68
C PRO F 9 15.45 8.33 -5.82
N VAL F 10 16.14 7.26 -6.18
CA VAL F 10 17.43 6.96 -5.63
C VAL F 10 18.44 7.38 -6.70
N SER F 11 19.43 8.17 -6.32
CA SER F 11 20.45 8.71 -7.23
C SER F 11 21.78 8.00 -7.07
N ALA F 12 22.42 7.62 -8.15
CA ALA F 12 23.76 7.05 -8.12
C ALA F 12 24.64 7.64 -9.21
N ALA F 13 25.86 8.01 -8.88
CA ALA F 13 26.84 8.36 -9.89
C ALA F 13 27.30 7.10 -10.61
N VAL F 14 27.65 7.25 -11.88
CA VAL F 14 28.26 6.19 -12.69
C VAL F 14 29.45 5.61 -11.94
N GLY F 15 29.55 4.29 -11.90
CA GLY F 15 30.57 3.58 -11.12
C GLY F 15 30.28 3.45 -9.63
N GLY F 16 29.24 4.11 -9.14
CA GLY F 16 28.88 4.05 -7.73
C GLY F 16 28.01 2.85 -7.41
N THR F 17 27.45 2.83 -6.22
CA THR F 17 26.61 1.75 -5.72
C THR F 17 25.27 2.31 -5.30
N VAL F 18 24.20 1.57 -5.57
CA VAL F 18 22.86 1.94 -5.10
C VAL F 18 22.23 0.77 -4.32
N THR F 19 21.41 1.09 -3.34
CA THR F 19 20.78 0.08 -2.47
C THR F 19 19.30 0.37 -2.42
N ILE F 20 18.45 -0.63 -2.66
CA ILE F 20 17.01 -0.48 -2.63
C ILE F 20 16.46 -1.44 -1.58
N ASN F 21 15.60 -0.94 -0.71
CA ASN F 21 15.02 -1.75 0.37
C ASN F 21 13.57 -2.09 0.13
N CYS F 22 13.18 -3.27 0.56
CA CYS F 22 11.83 -3.77 0.46
C CYS F 22 11.45 -4.28 1.83
N GLN F 23 10.32 -3.82 2.36
CA GLN F 23 9.79 -4.30 3.62
C GLN F 23 8.36 -4.86 3.44
N ALA F 24 8.11 -6.03 4.02
CA ALA F 24 6.79 -6.64 4.02
C ALA F 24 6.17 -6.64 5.43
N SER F 25 4.87 -6.36 5.52
CA SER F 25 4.13 -6.34 6.79
C SER F 25 4.04 -7.73 7.41
N GLN F 26 3.98 -8.76 6.56
CA GLN F 26 4.04 -10.17 6.96
C GLN F 26 5.29 -10.79 6.38
N SER F 27 5.78 -11.87 6.98
CA SER F 27 6.89 -12.64 6.39
C SER F 27 6.43 -13.32 5.08
N VAL F 28 7.29 -13.28 4.06
CA VAL F 28 6.99 -13.96 2.81
C VAL F 28 7.00 -15.47 3.07
N TYR F 29 6.28 -16.21 2.21
CA TYR F 29 6.16 -17.66 2.30
C TYR F 29 7.53 -18.33 2.30
N ASN F 30 7.78 -19.18 3.30
CA ASN F 30 9.09 -19.86 3.49
C ASN F 30 10.28 -18.89 3.70
N ASN F 31 10.00 -17.65 4.12
CA ASN F 31 11.02 -16.61 4.34
C ASN F 31 11.90 -16.07 3.19
N TYR F 32 12.09 -16.80 2.10
CA TYR F 32 12.97 -16.31 1.00
C TYR F 32 12.31 -16.23 -0.37
N LEU F 33 11.00 -16.48 -0.46
CA LEU F 33 10.32 -16.46 -1.76
C LEU F 33 9.95 -15.02 -2.13
N LEU F 34 11.00 -14.31 -2.50
CA LEU F 34 10.94 -12.89 -2.88
C LEU F 34 11.79 -12.73 -4.11
N SER F 35 11.27 -12.04 -5.12
CA SER F 35 12.02 -11.82 -6.36
C SER F 35 12.12 -10.32 -6.66
N TRP F 36 13.15 -9.95 -7.43
CA TRP F 36 13.39 -8.57 -7.82
C TRP F 36 13.32 -8.42 -9.34
N TYR F 37 12.85 -7.26 -9.78
CA TYR F 37 12.62 -6.96 -11.20
C TYR F 37 13.16 -5.60 -11.59
N GLN F 38 13.65 -5.48 -12.82
CA GLN F 38 13.97 -4.20 -13.43
C GLN F 38 12.95 -3.92 -14.55
N GLN F 39 12.38 -2.72 -14.57
CA GLN F 39 11.49 -2.28 -15.64
C GLN F 39 11.98 -0.96 -16.25
N LYS F 40 12.24 -1.02 -17.55
CA LYS F 40 12.55 0.18 -18.34
C LYS F 40 11.27 0.62 -19.03
N PRO F 41 11.12 1.94 -19.30
CA PRO F 41 9.87 2.41 -19.94
C PRO F 41 9.52 1.72 -21.25
N GLY F 42 8.26 1.40 -21.44
CA GLY F 42 7.80 0.68 -22.62
C GLY F 42 8.09 -0.82 -22.71
N GLN F 43 8.63 -1.40 -21.63
CA GLN F 43 8.98 -2.82 -21.62
C GLN F 43 8.30 -3.55 -20.44
N PRO F 44 8.07 -4.86 -20.60
CA PRO F 44 7.73 -5.65 -19.40
C PRO F 44 8.88 -5.69 -18.42
N PRO F 45 8.60 -5.92 -17.14
CA PRO F 45 9.69 -6.09 -16.20
C PRO F 45 10.50 -7.37 -16.51
N LYS F 46 11.78 -7.33 -16.16
CA LYS F 46 12.72 -8.44 -16.32
C LYS F 46 13.16 -8.87 -14.92
N ARG F 47 13.06 -10.16 -14.65
CA ARG F 47 13.50 -10.69 -13.35
C ARG F 47 15.02 -10.66 -13.24
N LEU F 48 15.51 -10.10 -12.15
CA LEU F 48 16.92 -10.07 -11.79
C LEU F 48 17.32 -11.17 -10.81
N ILE F 49 16.44 -11.42 -9.83
CA ILE F 49 16.78 -12.23 -8.66
C ILE F 49 15.53 -13.02 -8.24
N TYR F 50 15.75 -14.25 -7.80
CA TYR F 50 14.70 -15.01 -7.11
C TYR F 50 15.30 -15.71 -5.89
N SER F 51 14.42 -16.26 -5.06
CA SER F 51 14.79 -16.84 -3.77
C SER F 51 15.60 -15.84 -2.94
N ALA F 52 15.24 -14.56 -3.03
CA ALA F 52 15.92 -13.47 -2.32
C ALA F 52 17.35 -13.13 -2.75
N SER F 53 18.17 -14.12 -3.12
CA SER F 53 19.58 -13.89 -3.43
C SER F 53 20.13 -14.61 -4.66
N THR F 54 19.34 -15.44 -5.35
CA THR F 54 19.83 -16.18 -6.50
C THR F 54 19.65 -15.34 -7.76
N LEU F 55 20.75 -15.19 -8.49
CA LEU F 55 20.80 -14.41 -9.69
C LEU F 55 20.14 -15.18 -10.82
N ALA F 56 19.20 -14.54 -11.52
CA ALA F 56 18.55 -15.18 -12.68
C ALA F 56 19.54 -15.28 -13.84
N SER F 57 19.33 -16.27 -14.71
CA SER F 57 20.25 -16.53 -15.81
C SER F 57 20.26 -15.35 -16.75
N GLY F 58 21.45 -14.97 -17.21
CA GLY F 58 21.63 -13.86 -18.13
C GLY F 58 21.90 -12.52 -17.48
N VAL F 59 21.72 -12.42 -16.16
CA VAL F 59 21.75 -11.14 -15.47
C VAL F 59 23.14 -10.89 -14.91
N SER F 60 23.59 -9.65 -14.99
CA SER F 60 24.91 -9.27 -14.51
C SER F 60 25.08 -9.51 -12.99
N SER F 61 26.26 -9.97 -12.62
CA SER F 61 26.69 -10.13 -11.22
C SER F 61 26.78 -8.81 -10.42
N ARG F 62 26.67 -7.67 -11.10
CA ARG F 62 26.54 -6.37 -10.47
C ARG F 62 25.28 -6.26 -9.59
N PHE F 63 24.23 -7.03 -9.93
CA PHE F 63 22.99 -7.05 -9.16
C PHE F 63 23.08 -8.11 -8.04
N LYS F 64 22.84 -7.71 -6.79
CA LYS F 64 22.81 -8.67 -5.66
C LYS F 64 21.64 -8.44 -4.70
N GLY F 65 21.04 -9.55 -4.28
CA GLY F 65 19.89 -9.54 -3.40
C GLY F 65 20.27 -10.17 -2.08
N SER F 66 19.77 -9.59 -0.99
CA SER F 66 19.91 -10.21 0.34
C SER F 66 18.67 -10.01 1.16
N GLY F 67 18.63 -10.68 2.32
CA GLY F 67 17.52 -10.54 3.28
C GLY F 67 16.71 -11.80 3.45
N SER F 68 15.73 -11.74 4.34
CA SER F 68 14.87 -12.89 4.65
C SER F 68 13.69 -12.39 5.49
N GLY F 69 12.60 -13.15 5.48
CA GLY F 69 11.42 -12.82 6.31
C GLY F 69 10.64 -11.63 5.80
N THR F 70 10.88 -10.47 6.42
CA THR F 70 10.16 -9.23 6.09
C THR F 70 11.06 -8.14 5.49
N GLN F 71 12.39 -8.35 5.45
CA GLN F 71 13.36 -7.29 5.12
C GLN F 71 14.31 -7.76 4.03
N PHE F 72 14.34 -7.06 2.90
CA PHE F 72 15.10 -7.47 1.73
C PHE F 72 15.78 -6.26 1.11
N THR F 73 16.89 -6.48 0.43
CA THR F 73 17.65 -5.42 -0.21
C THR F 73 18.19 -5.86 -1.58
N LEU F 74 18.12 -4.97 -2.55
CA LEU F 74 18.80 -5.13 -3.83
C LEU F 74 19.93 -4.10 -3.88
N THR F 75 21.15 -4.54 -4.17
CA THR F 75 22.26 -3.65 -4.40
C THR F 75 22.73 -3.77 -5.85
N ILE F 76 22.99 -2.63 -6.47
CA ILE F 76 23.56 -2.56 -7.81
C ILE F 76 24.92 -1.90 -7.64
N SER F 77 25.97 -2.63 -7.98
CA SER F 77 27.33 -2.07 -7.95
C SER F 77 27.79 -1.67 -9.34
N ASP F 78 28.82 -0.83 -9.36
CA ASP F 78 29.39 -0.28 -10.57
C ASP F 78 28.27 0.21 -11.51
N VAL F 79 27.45 1.13 -10.98
CA VAL F 79 26.24 1.58 -11.64
C VAL F 79 26.57 2.15 -13.00
N GLN F 80 25.84 1.69 -14.03
CA GLN F 80 25.95 2.20 -15.41
C GLN F 80 24.71 3.03 -15.78
N CYS F 81 24.85 3.86 -16.82
CA CYS F 81 23.71 4.61 -17.35
C CYS F 81 22.51 3.70 -17.68
N ASP F 82 22.81 2.50 -18.18
CA ASP F 82 21.78 1.52 -18.52
C ASP F 82 20.94 1.03 -17.31
N ASP F 83 21.41 1.27 -16.07
CA ASP F 83 20.66 0.85 -14.87
C ASP F 83 19.54 1.80 -14.50
N ALA F 84 19.44 2.94 -15.20
CA ALA F 84 18.29 3.84 -15.04
C ALA F 84 16.97 3.11 -15.35
N ALA F 85 16.14 2.96 -14.33
CA ALA F 85 14.99 2.06 -14.40
C ALA F 85 14.21 2.12 -13.10
N THR F 86 13.06 1.47 -13.08
CA THR F 86 12.29 1.25 -11.87
C THR F 86 12.41 -0.23 -11.45
N TYR F 87 12.67 -0.42 -10.17
CA TYR F 87 13.00 -1.73 -9.61
C TYR F 87 11.87 -2.10 -8.66
N TYR F 88 11.43 -3.34 -8.73
CA TYR F 88 10.30 -3.82 -7.92
C TYR F 88 10.70 -5.12 -7.21
N CYS F 89 10.31 -5.24 -5.93
CA CYS F 89 10.30 -6.51 -5.24
C CYS F 89 8.91 -7.17 -5.41
N LEU F 90 8.88 -8.49 -5.34
CA LEU F 90 7.65 -9.27 -5.47
C LEU F 90 7.65 -10.38 -4.42
N GLY F 91 6.68 -10.31 -3.50
CA GLY F 91 6.55 -11.25 -2.38
C GLY F 91 5.49 -12.29 -2.63
N SER F 92 5.69 -13.44 -1.98
CA SER F 92 4.77 -14.57 -2.07
C SER F 92 4.12 -14.81 -0.73
N TYR F 93 2.81 -15.08 -0.73
CA TYR F 93 2.04 -15.31 0.49
C TYR F 93 0.94 -16.34 0.23
N ASP F 94 0.44 -16.96 1.30
CA ASP F 94 -0.65 -17.95 1.19
C ASP F 94 -1.91 -17.30 0.57
N GLY F 95 -2.31 -17.76 -0.61
CA GLY F 95 -3.41 -17.16 -1.36
C GLY F 95 -4.80 -17.24 -0.70
N ASN F 96 -4.96 -18.21 0.21
CA ASN F 96 -6.17 -18.32 1.03
C ASN F 96 -6.28 -17.24 2.11
N SER F 97 -5.15 -16.74 2.59
CA SER F 97 -5.12 -15.75 3.68
C SER F 97 -4.78 -14.31 3.25
N ALA F 98 -4.24 -14.15 2.05
CA ALA F 98 -3.74 -12.86 1.57
C ALA F 98 -3.65 -12.89 0.05
N ASP F 99 -3.20 -11.80 -0.54
CA ASP F 99 -2.84 -11.82 -1.96
C ASP F 99 -1.69 -12.81 -2.20
N CYS F 100 -1.93 -13.76 -3.11
CA CYS F 100 -0.96 -14.82 -3.45
C CYS F 100 0.42 -14.26 -3.80
N LEU F 101 0.44 -13.19 -4.59
CA LEU F 101 1.64 -12.45 -4.98
C LEU F 101 1.37 -10.95 -4.80
N ALA F 102 2.38 -10.21 -4.32
CA ALA F 102 2.26 -8.74 -4.09
C ALA F 102 3.54 -8.01 -4.47
N PHE F 103 3.42 -7.00 -5.34
CA PHE F 103 4.52 -6.12 -5.68
C PHE F 103 4.64 -4.97 -4.67
N GLY F 104 5.86 -4.61 -4.31
CA GLY F 104 6.15 -3.26 -3.81
C GLY F 104 5.79 -2.17 -4.82
N GLY F 105 5.75 -0.93 -4.35
CA GLY F 105 5.33 0.21 -5.15
C GLY F 105 6.29 0.66 -6.23
N GLY F 106 7.54 0.17 -6.19
CA GLY F 106 8.55 0.49 -7.20
C GLY F 106 9.49 1.56 -6.70
N THR F 107 10.75 1.51 -7.14
CA THR F 107 11.76 2.51 -6.77
C THR F 107 12.53 2.90 -8.03
N GLU F 108 12.46 4.17 -8.45
CA GLU F 108 13.19 4.63 -9.62
C GLU F 108 14.66 4.95 -9.29
N VAL F 109 15.58 4.45 -10.12
CA VAL F 109 16.99 4.80 -10.05
C VAL F 109 17.31 5.85 -11.13
N VAL F 110 17.89 6.96 -10.69
CA VAL F 110 18.41 8.03 -11.58
C VAL F 110 19.93 7.94 -11.57
N VAL F 111 20.55 7.76 -12.71
CA VAL F 111 22.01 7.68 -12.81
C VAL F 111 22.65 9.03 -13.20
N LYS F 112 23.54 9.53 -12.33
CA LYS F 112 24.27 10.80 -12.59
C LYS F 112 25.48 10.59 -13.46
N GLY F 113 25.36 10.91 -14.74
CA GLY F 113 26.51 10.89 -15.64
C GLY F 113 27.10 12.27 -15.78
N THR F 114 27.77 12.50 -16.92
CA THR F 114 28.47 13.74 -17.19
C THR F 114 27.44 14.86 -17.46
N PRO F 115 27.52 16.00 -16.72
CA PRO F 115 26.63 17.12 -17.04
C PRO F 115 26.76 17.67 -18.48
N VAL F 116 25.65 18.07 -19.06
CA VAL F 116 25.60 18.63 -20.41
C VAL F 116 24.43 19.59 -20.49
N ALA F 117 24.70 20.79 -21.01
CA ALA F 117 23.68 21.82 -21.15
C ALA F 117 22.76 21.47 -22.33
N PRO F 118 21.45 21.76 -22.20
CA PRO F 118 20.53 21.51 -23.30
C PRO F 118 20.71 22.52 -24.40
N THR F 119 20.39 22.13 -25.64
CA THR F 119 20.07 23.10 -26.69
C THR F 119 18.54 23.11 -26.78
N VAL F 120 17.98 24.25 -27.17
CA VAL F 120 16.55 24.46 -27.14
C VAL F 120 16.06 24.85 -28.54
N LEU F 121 14.96 24.22 -28.95
CA LEU F 121 14.26 24.57 -30.20
C LEU F 121 12.83 24.93 -29.88
N ILE F 122 12.28 25.88 -30.63
CA ILE F 122 10.88 26.23 -30.50
C ILE F 122 10.22 26.08 -31.87
N PHE F 123 8.99 25.56 -31.85
CA PHE F 123 8.26 25.24 -33.07
C PHE F 123 6.96 26.02 -33.03
N PRO F 124 6.81 27.05 -33.91
CA PRO F 124 5.51 27.72 -34.00
C PRO F 124 4.43 26.78 -34.55
N PRO F 125 3.16 27.03 -34.21
CA PRO F 125 2.13 26.13 -34.69
C PRO F 125 2.02 26.17 -36.22
N ALA F 126 1.74 25.02 -36.83
CA ALA F 126 1.52 24.98 -38.27
C ALA F 126 0.32 25.87 -38.61
N ALA F 127 0.33 26.48 -39.79
CA ALA F 127 -0.78 27.33 -40.24
C ALA F 127 -2.16 26.65 -40.13
N ASP F 128 -2.22 25.34 -40.43
CA ASP F 128 -3.49 24.60 -40.35
C ASP F 128 -4.04 24.43 -38.91
N GLN F 129 -3.23 24.68 -37.89
CA GLN F 129 -3.71 24.56 -36.50
C GLN F 129 -4.73 25.62 -36.14
N VAL F 130 -4.45 26.87 -36.51
CA VAL F 130 -5.22 28.02 -36.00
C VAL F 130 -6.71 27.95 -36.36
N ALA F 131 -7.00 27.47 -37.58
CA ALA F 131 -8.37 27.27 -38.06
C ALA F 131 -9.18 26.23 -37.28
N THR F 132 -8.51 25.31 -36.59
CA THR F 132 -9.20 24.31 -35.77
C THR F 132 -9.79 24.90 -34.48
N GLY F 133 -9.30 26.07 -34.06
CA GLY F 133 -9.76 26.67 -32.81
C GLY F 133 -8.74 26.58 -31.69
N THR F 134 -7.95 25.51 -31.66
CA THR F 134 -6.92 25.28 -30.65
C THR F 134 -5.53 25.34 -31.27
N VAL F 135 -4.62 26.02 -30.58
CA VAL F 135 -3.22 26.14 -30.98
C VAL F 135 -2.31 25.47 -29.95
N THR F 136 -1.26 24.81 -30.44
CA THR F 136 -0.28 24.11 -29.61
C THR F 136 1.15 24.48 -30.02
N ILE F 137 1.85 25.23 -29.16
CA ILE F 137 3.27 25.59 -29.38
C ILE F 137 4.16 24.58 -28.64
N VAL F 138 5.20 24.10 -29.31
CA VAL F 138 6.07 23.05 -28.80
C VAL F 138 7.50 23.58 -28.64
N CYS F 139 8.02 23.46 -27.42
CA CYS F 139 9.41 23.77 -27.11
C CYS F 139 10.12 22.46 -26.75
N VAL F 140 11.34 22.26 -27.28
CA VAL F 140 12.10 21.02 -27.05
C VAL F 140 13.49 21.31 -26.49
N ALA F 141 13.92 20.51 -25.51
CA ALA F 141 15.26 20.59 -24.94
C ALA F 141 15.96 19.26 -25.19
N ASN F 142 17.14 19.33 -25.81
CA ASN F 142 17.81 18.19 -26.40
C ASN F 142 19.00 17.79 -25.54
N LYS F 143 19.12 16.50 -25.24
CA LYS F 143 20.37 15.89 -24.77
C LYS F 143 21.05 16.62 -23.61
N TYR F 144 20.41 16.52 -22.44
CA TYR F 144 20.79 17.28 -21.27
C TYR F 144 20.78 16.43 -20.00
N PHE F 145 21.66 16.77 -19.08
CA PHE F 145 21.64 16.23 -17.71
C PHE F 145 22.41 17.25 -16.87
N PRO F 146 21.94 17.60 -15.66
CA PRO F 146 20.77 17.10 -14.93
C PRO F 146 19.46 17.73 -15.40
N ASP F 147 18.38 17.53 -14.63
CA ASP F 147 17.05 18.06 -14.97
C ASP F 147 17.01 19.56 -15.21
N VAL F 148 16.06 19.98 -16.03
CA VAL F 148 15.84 21.39 -16.33
C VAL F 148 14.47 21.79 -15.82
N THR F 149 14.22 23.10 -15.72
CA THR F 149 12.88 23.64 -15.50
C THR F 149 12.54 24.52 -16.69
N VAL F 150 11.28 24.47 -17.12
CA VAL F 150 10.83 25.22 -18.28
C VAL F 150 9.83 26.26 -17.80
N THR F 151 9.99 27.50 -18.27
CA THR F 151 9.01 28.56 -18.05
C THR F 151 8.66 29.18 -19.41
N TRP F 152 7.38 29.44 -19.59
CA TRP F 152 6.86 30.01 -20.81
C TRP F 152 6.47 31.47 -20.55
N GLU F 153 6.78 32.36 -21.49
CA GLU F 153 6.43 33.77 -21.40
C GLU F 153 5.76 34.25 -22.68
N VAL F 154 4.58 34.89 -22.56
CA VAL F 154 3.92 35.56 -23.70
C VAL F 154 3.85 37.07 -23.46
N ASP F 155 4.52 37.83 -24.33
CA ASP F 155 4.73 39.28 -24.14
C ASP F 155 5.31 39.62 -22.74
N GLY F 156 6.22 38.77 -22.24
CA GLY F 156 6.81 38.96 -20.93
C GLY F 156 6.02 38.48 -19.71
N THR F 157 4.77 38.03 -19.93
CA THR F 157 3.95 37.46 -18.86
C THR F 157 4.17 35.95 -18.73
N THR F 158 4.55 35.52 -17.53
CA THR F 158 4.85 34.11 -17.27
C THR F 158 3.57 33.28 -17.25
N GLN F 159 3.52 32.23 -18.06
CA GLN F 159 2.33 31.38 -18.17
C GLN F 159 2.24 30.42 -16.99
N THR F 160 1.07 30.36 -16.36
CA THR F 160 0.80 29.48 -15.23
C THR F 160 -0.14 28.31 -15.59
N THR F 161 -0.68 28.30 -16.83
CA THR F 161 -1.68 27.31 -17.26
C THR F 161 -1.46 26.82 -18.70
N GLY F 162 -2.02 25.65 -19.01
CA GLY F 162 -2.01 25.10 -20.36
C GLY F 162 -0.68 24.55 -20.84
N ILE F 163 0.18 24.20 -19.88
CA ILE F 163 1.54 23.72 -20.14
C ILE F 163 1.59 22.23 -19.77
N GLU F 164 2.09 21.40 -20.70
CA GLU F 164 2.29 19.95 -20.46
C GLU F 164 3.72 19.57 -20.88
N ASN F 165 4.40 18.85 -20.01
CA ASN F 165 5.78 18.43 -20.23
C ASN F 165 5.89 16.92 -20.37
N SER F 166 6.78 16.50 -21.26
CA SER F 166 7.05 15.08 -21.45
C SER F 166 8.54 14.84 -21.64
N LYS F 167 9.10 13.95 -20.81
CA LYS F 167 10.53 13.73 -20.74
C LYS F 167 10.85 12.31 -21.16
N THR F 168 11.84 12.15 -22.05
CA THR F 168 12.26 10.81 -22.45
C THR F 168 13.01 10.14 -21.29
N PRO F 169 13.11 8.80 -21.30
CA PRO F 169 13.94 8.14 -20.27
C PRO F 169 15.42 8.37 -20.51
N GLN F 170 16.21 8.30 -19.43
CA GLN F 170 17.63 8.50 -19.51
C GLN F 170 18.23 7.60 -20.56
N ASN F 171 19.06 8.19 -21.41
CA ASN F 171 19.73 7.46 -22.46
C ASN F 171 20.69 6.46 -21.81
N SER F 172 20.70 5.24 -22.34
CA SER F 172 21.44 4.14 -21.73
C SER F 172 22.95 4.17 -22.02
N ALA F 173 23.40 4.99 -22.97
CA ALA F 173 24.82 5.22 -23.21
C ALA F 173 25.35 6.39 -22.39
N ASP F 174 24.68 7.54 -22.41
CA ASP F 174 25.23 8.78 -21.81
C ASP F 174 24.39 9.43 -20.69
N CYS F 175 23.30 8.80 -20.28
CA CYS F 175 22.48 9.27 -19.15
C CYS F 175 21.60 10.50 -19.43
N THR F 176 21.63 11.05 -20.65
CA THR F 176 20.92 12.32 -20.94
C THR F 176 19.40 12.19 -21.10
N TYR F 177 18.70 13.27 -20.82
CA TYR F 177 17.28 13.40 -21.10
C TYR F 177 17.01 14.21 -22.38
N ASN F 178 15.79 14.05 -22.90
CA ASN F 178 15.17 15.00 -23.85
C ASN F 178 13.80 15.36 -23.28
N LEU F 179 13.39 16.63 -23.46
CA LEU F 179 12.12 17.12 -22.95
C LEU F 179 11.34 17.84 -24.04
N SER F 180 10.02 17.63 -24.05
CA SER F 180 9.11 18.39 -24.90
C SER F 180 8.15 19.07 -23.95
N SER F 181 8.02 20.38 -24.10
CA SER F 181 7.10 21.20 -23.33
C SER F 181 6.14 21.85 -24.29
N THR F 182 4.84 21.72 -24.01
CA THR F 182 3.80 22.12 -24.95
C THR F 182 2.91 23.19 -24.32
N LEU F 183 2.73 24.31 -25.00
CA LEU F 183 1.79 25.38 -24.58
C LEU F 183 0.52 25.37 -25.43
N THR F 184 -0.63 25.04 -24.84
CA THR F 184 -1.92 24.89 -25.56
C THR F 184 -2.84 26.07 -25.24
N LEU F 185 -3.23 26.81 -26.27
CA LEU F 185 -4.12 27.98 -26.15
C LEU F 185 -5.24 27.91 -27.19
N THR F 186 -6.30 28.69 -27.00
CA THR F 186 -7.30 28.88 -28.05
C THR F 186 -6.73 29.80 -29.13
N SER F 187 -7.32 29.76 -30.31
CA SER F 187 -6.89 30.60 -31.45
C SER F 187 -7.02 32.10 -31.20
N THR F 188 -8.10 32.53 -30.57
CA THR F 188 -8.26 33.94 -30.18
C THR F 188 -7.23 34.35 -29.13
N GLN F 189 -6.98 33.48 -28.15
CA GLN F 189 -5.90 33.68 -27.17
C GLN F 189 -4.54 33.80 -27.87
N TYR F 190 -4.25 32.87 -28.77
CA TYR F 190 -3.02 32.90 -29.56
C TYR F 190 -2.91 34.16 -30.44
N ASN F 191 -4.02 34.53 -31.08
CA ASN F 191 -4.13 35.73 -31.90
C ASN F 191 -4.23 37.06 -31.10
N SER F 192 -4.27 37.01 -29.77
CA SER F 192 -4.17 38.21 -28.90
C SER F 192 -2.75 38.73 -28.58
N HIS F 193 -1.72 37.87 -28.68
CA HIS F 193 -0.33 38.23 -28.28
C HIS F 193 0.71 38.08 -29.42
N LYS F 194 1.84 38.77 -29.30
CA LYS F 194 2.86 38.78 -30.36
C LYS F 194 3.99 37.77 -30.11
N GLU F 195 4.62 37.85 -28.95
CA GLU F 195 5.90 37.14 -28.67
C GLU F 195 5.71 35.88 -27.82
N TYR F 196 6.21 34.76 -28.32
CA TYR F 196 6.10 33.48 -27.61
C TYR F 196 7.50 33.00 -27.28
N THR F 197 7.75 32.81 -25.99
CA THR F 197 9.09 32.55 -25.46
C THR F 197 9.07 31.30 -24.56
N CYS F 198 10.07 30.45 -24.72
CA CYS F 198 10.28 29.29 -23.88
C CYS F 198 11.67 29.42 -23.29
N LYS F 199 11.75 29.34 -21.96
CA LYS F 199 13.00 29.52 -21.24
C LYS F 199 13.29 28.23 -20.45
N VAL F 200 14.45 27.64 -20.74
CA VAL F 200 14.90 26.40 -20.12
C VAL F 200 16.07 26.75 -19.24
N THR F 201 15.92 26.49 -17.94
CA THR F 201 16.95 26.73 -16.96
C THR F 201 17.52 25.40 -16.43
N GLN F 202 18.84 25.33 -16.32
CA GLN F 202 19.55 24.18 -15.77
C GLN F 202 20.55 24.71 -14.78
N GLY F 203 20.20 24.70 -13.49
CA GLY F 203 21.00 25.32 -12.45
C GLY F 203 21.21 26.81 -12.70
N THR F 204 22.48 27.18 -12.93
CA THR F 204 22.88 28.56 -13.17
C THR F 204 22.78 29.01 -14.63
N THR F 205 22.67 28.08 -15.59
CA THR F 205 22.49 28.41 -17.01
C THR F 205 21.02 28.58 -17.40
N SER F 206 20.77 29.50 -18.31
CA SER F 206 19.47 29.76 -18.89
C SER F 206 19.60 29.81 -20.41
N VAL F 207 18.66 29.19 -21.12
CA VAL F 207 18.62 29.19 -22.58
C VAL F 207 17.20 29.55 -23.00
N VAL F 208 17.08 30.48 -23.94
CA VAL F 208 15.79 31.00 -24.39
C VAL F 208 15.65 30.82 -25.91
N GLN F 209 14.44 30.44 -26.33
CA GLN F 209 14.02 30.53 -27.73
C GLN F 209 12.68 31.24 -27.83
N SER F 210 12.58 32.17 -28.76
CA SER F 210 11.36 32.95 -29.00
C SER F 210 11.04 33.02 -30.49
N PHE F 211 9.77 33.25 -30.78
CA PHE F 211 9.33 33.71 -32.11
C PHE F 211 8.21 34.75 -31.90
N ASN F 212 8.05 35.63 -32.89
CA ASN F 212 6.92 36.55 -32.91
C ASN F 212 5.81 36.00 -33.79
N ARG F 213 4.58 35.98 -33.30
CA ARG F 213 3.46 35.64 -34.15
C ARG F 213 3.38 36.63 -35.31
N GLY F 214 3.18 36.13 -36.52
CA GLY F 214 3.10 36.99 -37.69
C GLY F 214 4.44 37.18 -38.36
N ASP F 215 5.54 36.93 -37.66
CA ASP F 215 6.83 36.64 -38.32
C ASP F 215 6.73 35.38 -39.19
N CYS F 216 5.92 34.40 -38.79
CA CYS F 216 5.62 33.22 -39.61
C CYS F 216 4.22 32.71 -39.38
#